data_8S0I
#
_entry.id   8S0I
#
_cell.length_a   45.902
_cell.length_b   212.545
_cell.length_c   55.811
_cell.angle_alpha   90.00
_cell.angle_beta   96.79
_cell.angle_gamma   90.00
#
_symmetry.space_group_name_H-M   'P 1 21 1'
#
loop_
_entity.id
_entity.type
_entity.pdbx_description
1 polymer 'Tyrosine-protein phosphatase non-receptor type 11'
2 non-polymer 3-phenyl-1H-pyrrolo[3,2-b]pyridine
3 water water
#
_entity_poly.entity_id   1
_entity_poly.type   'polypeptide(L)'
_entity_poly.pdbx_seq_one_letter_code
;HMTSRRWFHPNITGVEAENLLLTRGVDGSFLARPSKSNPGDFTLSVRRNGAVTHIKIQNTGDYYDLYGGEKFATLAELVQ
YYMEHHGQLKEKNGDVIELKYPLNCADPTSERWFHGHLSGKEAEKLLTEKGKHGSFLVRESQSHPGDFVLSVRTGDDKGE
SNDGKSKVTHVMIRCQELKYDVGGGERFDSLTDLVEHYKKNPMVETLGTVLQLKQPLNTTRINAAEIESRVRELSKLAET
TDKVKQGFWEEFETLQQQECKLLYSRKEGQRQENKNKNRYKNILPFDHTRVVLHDGDPNEPVSDYINANIIMPEFETKCN
NSKPKKSYIATQGCLQNTVNDFWRMVFQENSRVIVMTTKEVERGKSKCVKYWPDEYALKEYGVMRVRNVKESAAHDYTLR
ELKLSKVGQGNTERTVWQYHFRTWPDHGVPSDPGGVLDFLEEVHHKQESIMDAGPVVVHCSAGIGRTGTFIVIDILIDII
REKGVDCDIDVPKTIQMVRSQRSGMVQTEAQYRFIYMAVQHYIETLQRRLEHHHHHH
;
_entity_poly.pdbx_strand_id   A,B
#
# COMPACT_ATOMS: atom_id res chain seq x y z
N SER A 4 2.49 3.21 11.79
CA SER A 4 3.77 2.72 12.34
C SER A 4 3.90 2.99 13.88
N ARG A 5 3.30 4.04 14.42
CA ARG A 5 3.24 4.24 15.91
C ARG A 5 1.79 4.39 16.42
N ARG A 6 0.83 3.76 15.75
CA ARG A 6 -0.59 3.99 16.02
C ARG A 6 -1.04 3.40 17.35
N TRP A 7 -0.21 2.54 17.98
CA TRP A 7 -0.48 1.95 19.27
C TRP A 7 -0.34 2.90 20.44
N PHE A 8 0.11 4.15 20.20
CA PHE A 8 0.16 5.16 21.22
C PHE A 8 -1.11 6.01 21.14
N HIS A 9 -1.82 6.11 22.24
CA HIS A 9 -3.09 6.83 22.35
C HIS A 9 -2.87 8.02 23.26
N PRO A 10 -2.70 9.24 22.71
CA PRO A 10 -2.32 10.38 23.57
C PRO A 10 -3.35 10.89 24.56
N ASN A 11 -4.66 10.72 24.31
CA ASN A 11 -5.69 11.38 25.11
C ASN A 11 -6.71 10.41 25.74
N ILE A 12 -6.32 9.16 25.93
CA ILE A 12 -7.19 8.11 26.50
C ILE A 12 -6.98 7.98 28.03
N THR A 13 -8.01 7.57 28.80
CA THR A 13 -7.92 7.22 30.24
C THR A 13 -7.71 5.68 30.41
N GLY A 14 -7.34 5.26 31.61
CA GLY A 14 -7.20 3.85 31.97
C GLY A 14 -8.40 2.99 31.64
N VAL A 15 -9.61 3.47 32.01
CA VAL A 15 -10.81 2.66 31.78
C VAL A 15 -11.19 2.65 30.30
N GLU A 16 -11.02 3.77 29.58
CA GLU A 16 -11.15 3.77 28.13
C GLU A 16 -10.18 2.76 27.49
N ALA A 17 -8.92 2.69 27.97
CA ALA A 17 -7.94 1.72 27.46
C ALA A 17 -8.39 0.28 27.72
N GLU A 18 -8.86 -0.02 28.92
CA GLU A 18 -9.43 -1.34 29.23
C GLU A 18 -10.58 -1.71 28.31
N ASN A 19 -11.56 -0.81 28.16
CA ASN A 19 -12.74 -1.12 27.36
C ASN A 19 -12.36 -1.29 25.89
N LEU A 20 -11.36 -0.53 25.39
CA LEU A 20 -10.90 -0.68 24.03
C LEU A 20 -10.30 -2.05 23.81
N LEU A 21 -9.45 -2.51 24.73
CA LEU A 21 -8.82 -3.82 24.61
C LEU A 21 -9.82 -4.98 24.74
N LEU A 22 -10.84 -4.80 25.56
CA LEU A 22 -11.83 -5.84 25.82
C LEU A 22 -12.85 -5.94 24.70
N THR A 23 -13.24 -4.81 24.07
CA THR A 23 -14.21 -4.80 22.97
C THR A 23 -13.62 -4.82 21.56
N ARG A 24 -12.47 -4.14 21.31
CA ARG A 24 -11.83 -4.09 19.99
C ARG A 24 -10.57 -5.02 19.85
N GLY A 25 -10.03 -5.51 20.96
CA GLY A 25 -8.85 -6.38 20.95
C GLY A 25 -9.11 -7.85 21.25
N VAL A 26 -8.02 -8.63 21.21
CA VAL A 26 -7.94 -10.04 21.60
C VAL A 26 -6.72 -10.27 22.55
N ASP A 27 -6.48 -11.52 23.04
CA ASP A 27 -5.29 -11.80 23.81
C ASP A 27 -4.03 -11.46 22.96
N GLY A 28 -3.10 -10.72 23.57
CA GLY A 28 -1.94 -10.20 22.85
C GLY A 28 -2.12 -8.79 22.31
N SER A 29 -3.34 -8.25 22.32
CA SER A 29 -3.57 -6.86 21.97
C SER A 29 -2.93 -5.95 23.01
N PHE A 30 -2.40 -4.78 22.54
CA PHE A 30 -1.80 -3.82 23.46
C PHE A 30 -1.88 -2.42 22.90
N LEU A 31 -1.76 -1.46 23.79
CA LEU A 31 -1.57 -0.06 23.49
C LEU A 31 -0.70 0.60 24.58
N ALA A 32 -0.21 1.81 24.29
CA ALA A 32 0.48 2.62 25.27
C ALA A 32 -0.16 3.97 25.35
N ARG A 33 -0.04 4.63 26.49
CA ARG A 33 -0.71 5.89 26.76
C ARG A 33 0.03 6.69 27.83
N PRO A 34 -0.10 8.03 27.85
CA PRO A 34 0.53 8.81 28.92
C PRO A 34 -0.20 8.60 30.24
N SER A 35 0.38 9.01 31.37
CA SER A 35 -0.42 9.25 32.60
C SER A 35 -0.99 10.66 32.56
N LYS A 36 -2.24 10.85 32.95
CA LYS A 36 -2.97 12.09 32.59
C LYS A 36 -2.42 13.34 33.30
N SER A 37 -1.78 13.14 34.47
CA SER A 37 -1.30 14.19 35.36
C SER A 37 0.20 14.08 35.69
N ASN A 38 0.87 13.00 35.24
CA ASN A 38 2.21 12.63 35.67
C ASN A 38 3.13 12.61 34.43
N PRO A 39 3.90 13.69 34.18
CA PRO A 39 4.80 13.66 33.02
C PRO A 39 5.96 12.68 33.25
N GLY A 40 6.27 11.93 32.19
CA GLY A 40 7.29 10.91 32.28
C GLY A 40 6.73 9.55 32.63
N ASP A 41 5.45 9.46 33.09
CA ASP A 41 4.87 8.18 33.35
C ASP A 41 4.05 7.85 32.14
N PHE A 42 4.16 6.62 31.75
CA PHE A 42 3.40 6.03 30.66
C PHE A 42 2.94 4.66 31.18
N THR A 43 1.94 4.12 30.50
CA THR A 43 1.42 2.80 30.77
C THR A 43 1.35 1.98 29.48
N LEU A 44 1.82 0.74 29.55
CA LEU A 44 1.60 -0.25 28.52
C LEU A 44 0.40 -1.07 29.02
N SER A 45 -0.71 -1.02 28.30
CA SER A 45 -1.91 -1.81 28.63
C SER A 45 -2.03 -2.97 27.69
N VAL A 46 -2.17 -4.20 28.24
CA VAL A 46 -2.04 -5.44 27.47
C VAL A 46 -3.16 -6.41 27.83
N ARG A 47 -3.69 -7.10 26.84
CA ARG A 47 -4.70 -8.13 27.07
C ARG A 47 -4.06 -9.52 27.09
N ARG A 48 -4.28 -10.30 28.17
CA ARG A 48 -3.86 -11.70 28.27
C ARG A 48 -4.91 -12.53 29.08
N ASN A 49 -5.31 -13.71 28.58
CA ASN A 49 -6.41 -14.54 29.18
C ASN A 49 -7.68 -13.70 29.51
N GLY A 50 -8.24 -13.03 28.51
CA GLY A 50 -9.46 -12.23 28.66
C GLY A 50 -9.45 -11.12 29.70
N ALA A 51 -8.27 -10.80 30.29
CA ALA A 51 -8.09 -9.70 31.25
C ALA A 51 -7.07 -8.68 30.74
N VAL A 52 -7.10 -7.43 31.26
CA VAL A 52 -6.17 -6.36 30.91
C VAL A 52 -5.18 -6.16 32.08
N THR A 53 -3.90 -6.10 31.74
CA THR A 53 -2.86 -5.75 32.67
C THR A 53 -2.22 -4.41 32.28
N HIS A 54 -1.93 -3.55 33.27
CA HIS A 54 -1.31 -2.27 33.05
C HIS A 54 0.12 -2.32 33.59
N ILE A 55 1.12 -2.00 32.75
CA ILE A 55 2.52 -2.09 33.10
C ILE A 55 3.07 -0.69 33.05
N LYS A 56 3.62 -0.22 34.16
CA LYS A 56 4.18 1.14 34.29
C LYS A 56 5.50 1.27 33.59
N ILE A 57 5.69 2.38 32.88
CA ILE A 57 6.95 2.77 32.30
C ILE A 57 7.25 4.13 32.87
N GLN A 58 8.40 4.27 33.53
CA GLN A 58 8.82 5.58 34.04
C GLN A 58 9.97 6.12 33.23
N ASN A 59 9.99 7.43 33.04
CA ASN A 59 11.13 8.12 32.47
C ASN A 59 11.41 9.39 33.25
N THR A 60 12.47 9.39 34.02
CA THR A 60 12.92 10.61 34.74
C THR A 60 13.85 11.51 33.95
N GLY A 61 14.24 11.09 32.77
CA GLY A 61 15.12 11.85 31.93
C GLY A 61 16.22 11.03 31.29
N ASP A 62 16.46 9.78 31.72
CA ASP A 62 17.63 9.01 31.24
C ASP A 62 17.27 7.94 30.22
N TYR A 63 16.10 7.31 30.37
CA TYR A 63 15.66 6.16 29.58
C TYR A 63 14.21 5.81 29.98
N TYR A 64 13.53 5.02 29.16
CA TYR A 64 12.22 4.48 29.53
C TYR A 64 12.47 3.23 30.32
N ASP A 65 12.02 3.20 31.56
CA ASP A 65 12.17 2.00 32.39
C ASP A 65 10.85 1.28 32.51
N LEU A 66 10.74 0.14 31.82
CA LEU A 66 9.57 -0.75 31.89
C LEU A 66 9.64 -1.66 33.13
N TYR A 67 8.58 -1.65 33.98
CA TYR A 67 8.48 -2.58 35.14
C TYR A 67 8.52 -4.07 34.74
N GLY A 68 9.38 -4.85 35.36
CA GLY A 68 9.60 -6.25 34.93
C GLY A 68 10.07 -6.42 33.48
N GLY A 69 10.47 -5.32 32.85
CA GLY A 69 11.09 -5.35 31.55
C GLY A 69 12.43 -4.65 31.58
N GLU A 70 12.83 -4.12 30.45
CA GLU A 70 14.17 -3.55 30.29
C GLU A 70 14.09 -2.03 30.21
N LYS A 71 15.22 -1.42 30.00
CA LYS A 71 15.31 0.00 29.75
C LYS A 71 15.48 0.24 28.27
N PHE A 72 14.80 1.26 27.78
CA PHE A 72 14.76 1.56 26.35
C PHE A 72 14.97 3.03 26.06
N ALA A 73 15.40 3.32 24.84
CA ALA A 73 15.69 4.66 24.39
C ALA A 73 14.43 5.37 23.89
N THR A 74 13.45 4.62 23.33
CA THR A 74 12.17 5.15 22.84
C THR A 74 11.10 4.09 23.05
N LEU A 75 9.87 4.52 23.14
CA LEU A 75 8.74 3.60 23.21
C LEU A 75 8.64 2.78 21.95
N ALA A 76 8.93 3.35 20.77
CA ALA A 76 8.92 2.54 19.52
C ALA A 76 9.98 1.42 19.59
N GLU A 77 11.19 1.69 20.14
CA GLU A 77 12.20 0.65 20.31
C GLU A 77 11.74 -0.41 21.33
N LEU A 78 11.06 -0.01 22.37
CA LEU A 78 10.50 -0.91 23.39
C LEU A 78 9.48 -1.86 22.72
N VAL A 79 8.57 -1.33 21.92
CA VAL A 79 7.52 -2.15 21.31
C VAL A 79 8.15 -3.08 20.26
N GLN A 80 9.08 -2.58 19.41
CA GLN A 80 9.78 -3.41 18.44
C GLN A 80 10.51 -4.55 19.12
N TYR A 81 11.16 -4.29 20.24
CA TYR A 81 11.90 -5.33 20.96
C TYR A 81 10.95 -6.47 21.38
N TYR A 82 9.84 -6.14 22.07
CA TYR A 82 8.98 -7.17 22.65
C TYR A 82 8.06 -7.84 21.58
N MET A 83 7.69 -7.14 20.49
CA MET A 83 6.98 -7.73 19.37
C MET A 83 7.83 -8.74 18.62
N GLU A 84 9.17 -8.58 18.64
CA GLU A 84 10.10 -9.51 18.04
C GLU A 84 10.75 -10.46 19.10
N HIS A 85 10.25 -10.48 20.35
CA HIS A 85 10.83 -11.21 21.50
C HIS A 85 9.70 -11.60 22.49
N HIS A 86 9.05 -12.75 22.28
CA HIS A 86 8.07 -13.28 23.25
C HIS A 86 8.76 -14.02 24.40
N GLY A 87 8.00 -14.26 25.47
CA GLY A 87 8.53 -14.79 26.72
C GLY A 87 9.46 -13.86 27.49
N GLN A 88 9.74 -12.64 26.97
CA GLN A 88 10.72 -11.71 27.54
C GLN A 88 10.06 -10.68 28.47
N LEU A 89 8.73 -10.45 28.41
CA LEU A 89 8.07 -9.51 29.32
C LEU A 89 7.23 -10.30 30.28
N LYS A 90 7.54 -10.21 31.58
CA LYS A 90 6.91 -11.00 32.62
C LYS A 90 6.28 -10.08 33.65
N GLU A 91 5.17 -10.58 34.21
CA GLU A 91 4.46 -9.97 35.34
C GLU A 91 5.33 -10.11 36.60
N LYS A 92 4.94 -9.43 37.70
CA LYS A 92 5.55 -9.66 39.02
C LYS A 92 5.56 -11.18 39.40
N ASN A 93 4.44 -11.91 39.13
CA ASN A 93 4.33 -13.37 39.37
C ASN A 93 5.19 -14.26 38.41
N GLY A 94 5.93 -13.69 37.45
CA GLY A 94 6.77 -14.45 36.53
C GLY A 94 6.09 -14.82 35.22
N ASP A 95 4.75 -14.74 35.16
CA ASP A 95 4.01 -15.17 33.96
C ASP A 95 4.22 -14.20 32.79
N VAL A 96 4.25 -14.75 31.57
CA VAL A 96 4.67 -14.00 30.36
C VAL A 96 3.51 -13.22 29.76
N ILE A 97 3.80 -11.95 29.41
CA ILE A 97 2.88 -11.00 28.83
C ILE A 97 3.34 -10.80 27.37
N GLU A 98 2.56 -11.30 26.43
CA GLU A 98 2.93 -11.24 25.02
C GLU A 98 2.33 -9.97 24.38
N LEU A 99 3.17 -9.21 23.65
CA LEU A 99 2.73 -8.08 22.86
C LEU A 99 2.66 -8.52 21.41
N LYS A 100 1.47 -8.80 20.93
CA LYS A 100 1.28 -9.35 19.57
C LYS A 100 0.63 -8.37 18.62
N TYR A 101 -0.45 -7.70 19.07
CA TYR A 101 -1.33 -6.98 18.17
C TYR A 101 -1.46 -5.56 18.67
N PRO A 102 -0.79 -4.59 18.00
CA PRO A 102 -1.03 -3.20 18.33
C PRO A 102 -2.49 -2.82 18.15
N LEU A 103 -3.04 -2.01 19.04
CA LEU A 103 -4.42 -1.58 18.97
C LEU A 103 -4.38 -0.15 18.54
N ASN A 104 -4.78 0.12 17.28
CA ASN A 104 -4.56 1.45 16.69
C ASN A 104 -5.45 2.52 17.20
N CYS A 105 -4.88 3.71 17.34
CA CYS A 105 -5.51 4.94 17.77
C CYS A 105 -5.97 5.72 16.52
N ALA A 106 -7.16 6.31 16.60
CA ALA A 106 -7.73 7.12 15.52
C ALA A 106 -7.49 8.63 15.75
N ASP A 107 -7.10 9.05 16.94
CA ASP A 107 -6.96 10.47 17.29
C ASP A 107 -5.89 11.12 16.36
N PRO A 108 -6.24 12.21 15.65
CA PRO A 108 -5.25 12.87 14.77
C PRO A 108 -4.35 13.95 15.40
N THR A 109 -4.49 14.24 16.69
CA THR A 109 -3.90 15.46 17.25
C THR A 109 -2.36 15.53 17.28
N SER A 110 -1.65 14.41 17.25
CA SER A 110 -0.16 14.45 17.22
C SER A 110 0.40 14.29 15.81
N GLU A 111 -0.48 14.47 14.76
CA GLU A 111 0.02 14.50 13.40
C GLU A 111 0.42 15.90 13.11
N ARG A 112 1.58 16.07 12.47
CA ARG A 112 2.13 17.38 12.12
C ARG A 112 1.15 18.18 11.23
N TRP A 113 0.46 17.46 10.35
CA TRP A 113 -0.52 18.06 9.41
C TRP A 113 -1.87 18.47 10.01
N PHE A 114 -2.17 18.12 11.27
CA PHE A 114 -3.50 18.34 11.82
C PHE A 114 -3.57 19.65 12.60
N HIS A 115 -4.37 20.63 12.14
CA HIS A 115 -4.46 21.94 12.76
C HIS A 115 -5.78 22.20 13.47
N GLY A 116 -6.64 21.20 13.66
CA GLY A 116 -7.88 21.38 14.41
C GLY A 116 -8.68 22.58 13.95
N HIS A 117 -9.05 23.51 14.86
CA HIS A 117 -9.92 24.64 14.47
C HIS A 117 -9.15 25.70 13.65
N LEU A 118 -9.64 26.08 12.47
CA LEU A 118 -8.90 26.96 11.57
C LEU A 118 -9.79 27.26 10.34
N SER A 119 -9.80 28.51 9.83
CA SER A 119 -10.63 28.84 8.67
C SER A 119 -9.89 28.56 7.34
N GLY A 120 -10.63 28.49 6.27
CA GLY A 120 -10.06 28.38 4.93
C GLY A 120 -9.17 29.55 4.57
N LYS A 121 -9.55 30.75 5.04
CA LYS A 121 -8.79 31.97 4.81
C LYS A 121 -7.47 31.94 5.62
N GLU A 122 -7.53 31.55 6.91
CA GLU A 122 -6.33 31.40 7.75
C GLU A 122 -5.38 30.33 7.14
N ALA A 123 -5.90 29.11 6.81
CA ALA A 123 -5.12 28.06 6.18
C ALA A 123 -4.56 28.50 4.85
N GLU A 124 -5.31 29.31 4.09
CA GLU A 124 -4.81 29.81 2.80
C GLU A 124 -3.62 30.76 3.00
N LYS A 125 -3.67 31.65 3.99
CA LYS A 125 -2.56 32.59 4.23
C LYS A 125 -1.35 31.83 4.77
N LEU A 126 -1.57 30.86 5.69
CA LEU A 126 -0.47 30.02 6.19
C LEU A 126 0.18 29.24 5.04
N LEU A 127 -0.62 28.57 4.17
CA LEU A 127 -0.07 27.87 3.01
C LEU A 127 0.58 28.82 2.02
N THR A 128 0.10 30.07 1.91
CA THR A 128 0.67 31.03 0.98
C THR A 128 2.01 31.55 1.46
N GLU A 129 2.13 31.88 2.74
CA GLU A 129 3.34 32.47 3.33
C GLU A 129 4.42 31.45 3.66
N LYS A 130 4.03 30.31 4.25
CA LYS A 130 5.00 29.30 4.73
C LYS A 130 5.08 28.09 3.79
N GLY A 131 3.99 27.79 3.10
CA GLY A 131 3.87 26.58 2.31
C GLY A 131 4.56 26.65 0.97
N LYS A 132 4.68 25.48 0.34
CA LYS A 132 5.37 25.19 -0.91
C LYS A 132 4.55 24.11 -1.66
N HIS A 133 4.92 23.72 -2.90
CA HIS A 133 4.24 22.64 -3.62
C HIS A 133 4.15 21.37 -2.78
N GLY A 134 2.93 20.86 -2.62
CA GLY A 134 2.66 19.67 -1.82
C GLY A 134 2.55 19.93 -0.35
N SER A 135 2.75 21.16 0.13
CA SER A 135 2.45 21.50 1.54
C SER A 135 0.98 21.35 1.79
N PHE A 136 0.61 20.73 2.92
CA PHE A 136 -0.79 20.40 3.18
C PHE A 136 -1.11 20.44 4.65
N LEU A 137 -2.40 20.56 4.94
CA LEU A 137 -2.92 20.49 6.29
C LEU A 137 -4.36 19.89 6.25
N VAL A 138 -4.81 19.42 7.40
CA VAL A 138 -6.16 18.98 7.68
C VAL A 138 -6.65 19.86 8.84
N ARG A 139 -7.90 20.32 8.74
CA ARG A 139 -8.55 21.17 9.74
C ARG A 139 -10.02 20.87 9.87
N GLU A 140 -10.64 21.35 10.93
CA GLU A 140 -12.09 21.26 11.14
C GLU A 140 -12.87 22.19 10.17
N SER A 141 -14.04 21.73 9.68
CA SER A 141 -14.74 22.42 8.58
C SER A 141 -15.42 23.77 8.96
N GLN A 142 -15.97 23.90 10.18
CA GLN A 142 -16.74 25.11 10.59
C GLN A 142 -18.11 25.26 9.89
N SER A 143 -18.21 25.15 8.55
CA SER A 143 -19.51 25.17 7.88
C SER A 143 -20.33 23.92 8.27
N HIS A 144 -19.68 22.75 8.19
CA HIS A 144 -20.31 21.45 8.43
C HIS A 144 -19.69 20.87 9.70
N PRO A 145 -20.34 20.97 10.88
CA PRO A 145 -19.69 20.47 12.09
C PRO A 145 -19.45 18.96 12.02
N GLY A 146 -18.30 18.55 12.53
CA GLY A 146 -17.88 17.15 12.54
C GLY A 146 -17.12 16.71 11.30
N ASP A 147 -17.19 17.46 10.19
CA ASP A 147 -16.40 17.23 8.99
C ASP A 147 -15.01 17.89 9.09
N PHE A 148 -14.15 17.59 8.10
CA PHE A 148 -12.77 18.08 8.06
C PHE A 148 -12.50 18.56 6.66
N VAL A 149 -11.46 19.35 6.50
CA VAL A 149 -11.02 19.82 5.18
C VAL A 149 -9.53 19.53 5.08
N LEU A 150 -9.12 19.11 3.92
CA LEU A 150 -7.74 18.95 3.58
C LEU A 150 -7.44 20.11 2.65
N SER A 151 -6.49 20.96 3.02
CA SER A 151 -6.00 22.05 2.18
C SER A 151 -4.57 21.82 1.68
N VAL A 152 -4.36 21.87 0.36
CA VAL A 152 -3.11 21.49 -0.31
C VAL A 152 -2.65 22.65 -1.22
N ARG A 153 -1.41 23.14 -1.03
CA ARG A 153 -0.79 24.07 -1.97
C ARG A 153 -0.13 23.28 -3.10
N THR A 154 -0.38 23.62 -4.37
CA THR A 154 0.33 23.02 -5.50
C THR A 154 0.75 24.12 -6.49
N GLY A 155 2.02 24.11 -6.92
CA GLY A 155 2.49 25.08 -7.88
C GLY A 155 3.98 25.19 -8.12
N ASP A 156 4.36 26.30 -8.77
CA ASP A 156 5.71 26.59 -9.24
C ASP A 156 6.43 27.34 -8.12
N ASP A 157 7.63 26.85 -7.73
CA ASP A 157 8.51 27.54 -6.77
C ASP A 157 9.79 28.03 -7.47
N ASN A 162 3.70 35.92 -5.95
CA ASN A 162 2.29 35.54 -6.13
C ASN A 162 1.81 35.86 -7.56
N ASP A 163 2.13 34.93 -8.48
CA ASP A 163 1.94 35.10 -9.93
C ASP A 163 0.92 34.11 -10.54
N GLY A 164 0.08 33.47 -9.73
CA GLY A 164 -0.95 32.56 -10.21
C GLY A 164 -0.46 31.22 -10.72
N LYS A 165 0.87 31.00 -10.73
CA LYS A 165 1.47 29.70 -11.06
C LYS A 165 1.29 28.65 -9.92
N SER A 166 0.74 29.07 -8.77
CA SER A 166 0.45 28.22 -7.64
C SER A 166 -0.91 28.56 -7.05
N LYS A 167 -1.49 27.62 -6.32
CA LYS A 167 -2.85 27.72 -5.78
C LYS A 167 -3.01 26.84 -4.54
N VAL A 168 -4.14 27.03 -3.82
CA VAL A 168 -4.55 26.21 -2.69
C VAL A 168 -5.91 25.59 -3.02
N THR A 169 -6.00 24.26 -2.99
CA THR A 169 -7.27 23.53 -3.08
C THR A 169 -7.72 23.11 -1.70
N HIS A 170 -9.03 22.95 -1.54
CA HIS A 170 -9.69 22.48 -0.33
C HIS A 170 -10.55 21.25 -0.67
N VAL A 171 -10.20 20.10 -0.12
CA VAL A 171 -10.93 18.87 -0.35
C VAL A 171 -11.72 18.62 0.89
N MET A 172 -13.05 18.50 0.79
CA MET A 172 -13.89 18.24 1.95
C MET A 172 -13.77 16.75 2.33
N ILE A 173 -13.76 16.48 3.64
CA ILE A 173 -13.62 15.16 4.21
C ILE A 173 -14.81 14.97 5.11
N ARG A 174 -15.73 14.07 4.73
CA ARG A 174 -16.88 13.73 5.55
C ARG A 174 -16.53 12.72 6.60
N CYS A 175 -17.14 12.83 7.75
CA CYS A 175 -17.04 11.86 8.81
C CYS A 175 -18.44 11.26 8.97
N GLN A 176 -18.62 9.98 8.60
CA GLN A 176 -19.92 9.28 8.68
C GLN A 176 -19.63 7.92 9.38
N GLU A 177 -20.28 7.61 10.55
CA GLU A 177 -20.02 6.40 11.38
C GLU A 177 -18.61 6.36 11.96
N LEU A 178 -18.00 7.53 12.22
CA LEU A 178 -16.57 7.61 12.57
C LEU A 178 -15.66 6.87 11.54
N LYS A 179 -16.11 6.82 10.27
CA LYS A 179 -15.23 6.60 9.15
C LYS A 179 -15.14 7.91 8.33
N TYR A 180 -14.07 8.08 7.58
CA TYR A 180 -13.77 9.33 6.88
C TYR A 180 -13.68 9.06 5.39
N ASP A 181 -14.23 9.94 4.56
CA ASP A 181 -14.07 9.84 3.09
C ASP A 181 -14.04 11.24 2.44
N VAL A 182 -13.55 11.31 1.21
CA VAL A 182 -13.53 12.53 0.40
C VAL A 182 -14.68 12.61 -0.63
N GLY A 183 -15.78 11.90 -0.42
CA GLY A 183 -16.96 11.96 -1.29
C GLY A 183 -17.24 10.71 -2.10
N GLY A 184 -16.30 9.78 -2.09
CA GLY A 184 -16.53 8.49 -2.74
C GLY A 184 -15.34 7.56 -2.49
N GLY A 185 -15.44 6.33 -2.96
CA GLY A 185 -14.39 5.36 -2.83
C GLY A 185 -14.34 4.81 -1.42
N GLU A 186 -13.15 4.78 -0.85
CA GLU A 186 -12.91 4.08 0.41
C GLU A 186 -13.28 4.93 1.58
N ARG A 187 -13.79 4.31 2.62
CA ARG A 187 -14.03 4.96 3.89
C ARG A 187 -13.00 4.45 4.90
N PHE A 188 -12.32 5.36 5.53
CA PHE A 188 -11.15 5.03 6.39
C PHE A 188 -11.47 5.09 7.84
N ASP A 189 -10.82 4.24 8.66
CA ASP A 189 -11.05 4.24 10.11
C ASP A 189 -10.47 5.48 10.80
N SER A 190 -9.60 6.26 10.12
CA SER A 190 -9.05 7.47 10.74
C SER A 190 -8.58 8.44 9.68
N LEU A 191 -8.42 9.72 10.05
CA LEU A 191 -7.82 10.70 9.17
C LEU A 191 -6.40 10.36 8.78
N THR A 192 -5.62 9.73 9.70
CA THR A 192 -4.27 9.30 9.34
C THR A 192 -4.31 8.28 8.23
N ASP A 193 -5.20 7.29 8.30
CA ASP A 193 -5.34 6.31 7.22
C ASP A 193 -5.76 6.98 5.90
N LEU A 194 -6.62 8.02 5.96
CA LEU A 194 -7.02 8.75 4.75
C LEU A 194 -5.81 9.49 4.15
N VAL A 195 -5.09 10.28 4.98
CA VAL A 195 -3.89 11.02 4.57
C VAL A 195 -2.85 10.05 3.98
N GLU A 196 -2.58 8.91 4.64
CA GLU A 196 -1.56 7.99 4.14
C GLU A 196 -1.94 7.43 2.78
N HIS A 197 -3.24 7.08 2.63
CA HIS A 197 -3.75 6.65 1.35
C HIS A 197 -3.57 7.70 0.24
N TYR A 198 -3.95 8.96 0.48
CA TYR A 198 -3.89 9.97 -0.59
C TYR A 198 -2.49 10.58 -0.73
N LYS A 199 -1.60 10.31 0.24
CA LYS A 199 -0.15 10.44 0.11
C LYS A 199 0.40 9.42 -0.91
N LYS A 200 -0.02 8.15 -0.81
CA LYS A 200 0.41 7.09 -1.71
C LYS A 200 -0.21 7.25 -3.07
N ASN A 201 -1.50 7.63 -3.12
CA ASN A 201 -2.40 7.53 -4.28
C ASN A 201 -3.07 8.88 -4.48
N PRO A 202 -2.31 9.87 -4.97
CA PRO A 202 -2.80 11.26 -4.92
C PRO A 202 -4.07 11.48 -5.71
N MET A 203 -4.92 12.42 -5.21
CA MET A 203 -6.12 12.83 -5.92
C MET A 203 -5.70 13.57 -7.17
N VAL A 204 -6.29 13.22 -8.31
CA VAL A 204 -6.07 13.93 -9.58
C VAL A 204 -7.36 14.69 -9.88
N GLU A 205 -7.25 16.01 -10.08
CA GLU A 205 -8.41 16.84 -10.39
C GLU A 205 -8.91 16.55 -11.84
N THR A 206 -10.10 17.05 -12.21
CA THR A 206 -10.68 16.73 -13.51
C THR A 206 -9.76 17.23 -14.64
N LEU A 207 -9.23 18.46 -14.53
CA LEU A 207 -8.30 19.01 -15.52
C LEU A 207 -6.83 18.58 -15.32
N GLY A 208 -6.57 17.67 -14.37
CA GLY A 208 -5.29 16.95 -14.28
C GLY A 208 -4.29 17.38 -13.22
N THR A 209 -4.62 18.38 -12.36
CA THR A 209 -3.72 18.76 -11.27
C THR A 209 -3.64 17.59 -10.28
N VAL A 210 -2.42 17.16 -9.93
CA VAL A 210 -2.24 16.08 -8.99
C VAL A 210 -2.07 16.76 -7.63
N LEU A 211 -2.95 16.41 -6.68
CA LEU A 211 -2.93 17.02 -5.35
C LEU A 211 -2.00 16.24 -4.44
N GLN A 212 -0.70 16.42 -4.66
CA GLN A 212 0.32 15.63 -4.00
C GLN A 212 0.53 16.16 -2.61
N LEU A 213 0.47 15.27 -1.64
CA LEU A 213 0.65 15.59 -0.23
C LEU A 213 2.12 15.30 0.14
N LYS A 214 3.02 16.25 -0.17
CA LYS A 214 4.45 16.00 -0.01
C LYS A 214 4.90 16.23 1.42
N GLN A 215 4.52 17.37 2.03
CA GLN A 215 4.96 17.65 3.39
C GLN A 215 3.89 18.40 4.19
N PRO A 216 3.75 18.13 5.50
CA PRO A 216 2.90 19.01 6.31
C PRO A 216 3.45 20.42 6.34
N LEU A 217 2.56 21.36 6.61
CA LEU A 217 2.97 22.74 6.79
C LEU A 217 3.81 22.85 8.09
N ASN A 218 4.95 23.49 8.02
CA ASN A 218 5.79 23.72 9.18
C ASN A 218 5.20 24.78 10.11
N THR A 219 4.85 24.40 11.35
CA THR A 219 4.34 25.33 12.34
C THR A 219 5.32 25.56 13.52
N THR A 220 6.51 24.90 13.51
CA THR A 220 7.42 24.96 14.67
C THR A 220 8.55 25.95 14.47
N ARG A 221 8.91 26.26 13.22
CA ARG A 221 10.00 27.20 12.95
C ARG A 221 9.64 28.61 13.43
N ILE A 222 10.51 29.23 14.22
CA ILE A 222 10.33 30.58 14.75
C ILE A 222 11.53 31.47 14.50
N ASN A 223 11.31 32.78 14.49
CA ASN A 223 12.40 33.71 14.54
C ASN A 223 12.86 33.79 15.98
N ALA A 224 14.17 33.68 16.20
CA ALA A 224 14.74 33.63 17.54
C ALA A 224 14.36 34.84 18.37
N ALA A 225 14.37 36.06 17.78
CA ALA A 225 13.98 37.29 18.49
C ALA A 225 12.61 37.18 19.14
N GLU A 226 11.68 36.43 18.49
CA GLU A 226 10.30 36.24 18.98
C GLU A 226 10.12 35.01 19.88
N ILE A 227 11.21 34.45 20.47
CA ILE A 227 11.17 33.27 21.35
C ILE A 227 10.22 33.47 22.54
N GLU A 228 10.21 34.65 23.16
CA GLU A 228 9.39 34.89 24.35
C GLU A 228 7.91 34.67 24.06
N SER A 229 7.44 35.08 22.88
CA SER A 229 6.05 34.94 22.47
C SER A 229 5.66 33.53 22.22
N ARG A 230 6.59 32.74 21.65
CA ARG A 230 6.32 31.34 21.40
C ARG A 230 6.28 30.59 22.72
N VAL A 231 7.25 30.83 23.61
CA VAL A 231 7.26 30.17 24.92
C VAL A 231 6.00 30.55 25.73
N ARG A 232 5.64 31.84 25.76
CA ARG A 232 4.36 32.29 26.35
C ARG A 232 3.16 31.47 25.85
N GLU A 233 3.03 31.33 24.53
CA GLU A 233 1.98 30.54 23.92
C GLU A 233 2.04 29.02 24.27
N LEU A 234 3.25 28.42 24.29
CA LEU A 234 3.40 27.01 24.65
C LEU A 234 3.17 26.76 26.14
N SER A 235 3.33 27.78 27.00
CA SER A 235 3.21 27.64 28.45
C SER A 235 1.78 27.64 28.98
N LYS A 236 0.75 27.91 28.15
CA LYS A 236 -0.66 27.88 28.57
C LYS A 236 -1.49 26.88 27.76
N GLY A 247 0.35 23.69 23.36
CA GLY A 247 1.21 23.60 24.54
C GLY A 247 2.55 22.89 24.28
N PHE A 248 3.45 22.92 25.27
CA PHE A 248 4.69 22.13 25.24
C PHE A 248 4.42 20.62 25.15
N TRP A 249 3.41 20.11 25.86
CA TRP A 249 3.11 18.67 25.85
C TRP A 249 2.71 18.21 24.47
N GLU A 250 1.86 19.01 23.80
CA GLU A 250 1.33 18.68 22.52
C GLU A 250 2.43 18.73 21.45
N GLU A 251 3.27 19.76 21.49
CA GLU A 251 4.38 19.86 20.55
C GLU A 251 5.35 18.71 20.76
N PHE A 252 5.63 18.34 22.02
CA PHE A 252 6.54 17.23 22.30
C PHE A 252 5.97 15.92 21.78
N GLU A 253 4.69 15.63 22.08
CA GLU A 253 4.07 14.43 21.61
C GLU A 253 3.99 14.34 20.09
N THR A 254 3.86 15.46 19.36
CA THR A 254 3.94 15.41 17.89
C THR A 254 5.31 15.00 17.42
N LEU A 255 6.34 15.50 18.10
CA LEU A 255 7.72 15.05 17.82
C LEU A 255 7.87 13.57 18.11
N GLN A 256 7.37 13.11 19.27
CA GLN A 256 7.51 11.72 19.66
C GLN A 256 6.83 10.78 18.66
N GLN A 257 5.71 11.24 18.05
CA GLN A 257 5.04 10.45 17.03
C GLN A 257 5.95 10.13 15.86
N GLN A 258 6.93 11.01 15.57
CA GLN A 258 7.82 10.81 14.44
C GLN A 258 8.96 9.77 14.68
N GLU A 259 9.06 9.16 15.89
CA GLU A 259 10.20 8.32 16.21
C GLU A 259 10.13 6.94 15.55
N CYS A 260 8.96 6.55 15.06
CA CYS A 260 8.80 5.33 14.27
C CYS A 260 9.56 5.38 12.95
N LYS A 261 9.92 6.58 12.45
CA LYS A 261 10.77 6.75 11.27
C LYS A 261 12.29 6.49 11.55
N LEU A 262 12.65 6.28 12.80
CA LEU A 262 14.05 6.24 13.23
C LEU A 262 14.46 4.91 13.82
N LEU A 263 13.82 3.80 13.38
CA LEU A 263 14.23 2.48 13.81
C LEU A 263 15.31 1.96 12.95
N TYR A 264 16.42 2.68 12.93
CA TYR A 264 17.62 2.29 12.19
C TYR A 264 18.32 1.11 12.85
N SER A 265 19.13 0.39 12.05
CA SER A 265 19.74 -0.82 12.55
C SER A 265 20.81 -0.50 13.61
N ARG A 266 20.94 -1.41 14.56
CA ARG A 266 21.90 -1.37 15.68
C ARG A 266 22.57 -2.73 15.82
N LYS A 267 22.87 -3.38 14.70
CA LYS A 267 23.36 -4.77 14.71
C LYS A 267 24.72 -4.94 15.41
N GLU A 268 25.66 -4.00 15.22
CA GLU A 268 26.97 -4.12 15.87
C GLU A 268 26.84 -4.14 17.42
N GLY A 269 26.02 -3.26 17.98
CA GLY A 269 25.75 -3.30 19.42
C GLY A 269 25.04 -4.53 19.95
N GLN A 270 24.28 -5.21 19.06
CA GLN A 270 23.55 -6.45 19.37
C GLN A 270 24.45 -7.69 19.27
N ARG A 271 25.70 -7.57 18.78
CA ARG A 271 26.60 -8.71 18.71
C ARG A 271 26.91 -9.21 20.08
N GLN A 272 26.87 -10.55 20.28
CA GLN A 272 27.32 -11.26 21.48
C GLN A 272 28.62 -10.70 22.02
N GLU A 273 29.57 -10.50 21.13
CA GLU A 273 30.92 -10.03 21.44
C GLU A 273 30.90 -8.63 22.11
N ASN A 274 29.85 -7.83 21.86
CA ASN A 274 29.77 -6.46 22.37
C ASN A 274 28.78 -6.27 23.52
N LYS A 275 28.16 -7.35 24.02
CA LYS A 275 27.07 -7.25 24.99
C LYS A 275 27.50 -6.56 26.24
N ASN A 276 28.65 -6.91 26.75
CA ASN A 276 29.13 -6.38 28.02
C ASN A 276 29.77 -4.99 27.91
N LYS A 277 29.80 -4.43 26.73
CA LYS A 277 30.27 -3.06 26.49
C LYS A 277 29.11 -2.01 26.51
N ASN A 278 27.87 -2.45 26.70
CA ASN A 278 26.68 -1.61 26.75
C ASN A 278 26.22 -1.49 28.19
N ARG A 279 25.98 -0.27 28.66
CA ARG A 279 25.47 -0.04 30.03
C ARG A 279 24.06 -0.64 30.17
N TYR A 280 23.24 -0.48 29.15
CA TYR A 280 21.88 -0.99 29.08
C TYR A 280 21.77 -1.81 27.80
N LYS A 281 21.37 -3.07 27.93
CA LYS A 281 21.47 -4.01 26.81
C LYS A 281 20.74 -3.56 25.57
N ASN A 282 19.64 -2.80 25.71
CA ASN A 282 18.83 -2.41 24.56
C ASN A 282 19.00 -0.95 24.15
N ILE A 283 19.91 -0.21 24.79
CA ILE A 283 20.22 1.17 24.41
C ILE A 283 21.54 1.13 23.67
N LEU A 284 21.45 1.22 22.35
CA LEU A 284 22.55 0.88 21.44
C LEU A 284 22.75 1.95 20.42
N PRO A 285 23.99 2.09 19.95
CA PRO A 285 24.25 3.04 18.89
C PRO A 285 23.78 2.54 17.52
N PHE A 286 23.27 3.46 16.71
CA PHE A 286 22.99 3.17 15.30
C PHE A 286 24.25 2.79 14.56
N ASP A 287 24.18 1.73 13.73
CA ASP A 287 25.32 1.32 12.92
C ASP A 287 25.84 2.45 12.04
N HIS A 288 24.97 3.25 11.45
CA HIS A 288 25.36 4.21 10.41
C HIS A 288 26.12 5.44 10.97
N THR A 289 26.00 5.72 12.28
CA THR A 289 26.72 6.80 12.95
C THR A 289 27.61 6.40 14.12
N ARG A 290 27.77 5.07 14.43
CA ARG A 290 28.56 4.63 15.56
C ARG A 290 30.01 5.05 15.32
N VAL A 291 30.72 5.28 16.43
CA VAL A 291 32.15 5.48 16.36
C VAL A 291 32.79 4.15 16.17
N VAL A 292 33.54 3.95 15.10
CA VAL A 292 34.36 2.73 14.89
C VAL A 292 35.80 2.94 15.33
N LEU A 293 36.30 2.07 16.22
CA LEU A 293 37.61 2.22 16.79
C LEU A 293 38.54 1.33 15.94
N HIS A 294 39.62 1.93 15.53
CA HIS A 294 40.67 1.33 14.71
C HIS A 294 41.87 1.00 15.57
N ASP A 295 42.88 0.34 15.01
CA ASP A 295 44.15 0.00 15.68
C ASP A 295 43.99 -0.79 16.99
N GLY A 296 43.03 -1.70 17.03
CA GLY A 296 42.75 -2.47 18.24
C GLY A 296 43.78 -3.55 18.56
N ASP A 297 43.64 -4.21 19.70
CA ASP A 297 44.50 -5.32 20.10
C ASP A 297 44.26 -6.48 19.11
N PRO A 298 45.31 -7.04 18.44
CA PRO A 298 45.05 -8.17 17.52
C PRO A 298 44.45 -9.39 18.20
N ASN A 299 44.77 -9.59 19.50
CA ASN A 299 44.33 -10.73 20.31
C ASN A 299 42.87 -10.63 20.77
N GLU A 300 42.31 -9.39 20.91
CA GLU A 300 40.87 -9.19 21.15
C GLU A 300 40.19 -9.19 19.78
N PRO A 301 39.29 -10.15 19.51
CA PRO A 301 38.78 -10.30 18.13
C PRO A 301 37.84 -9.18 17.67
N VAL A 302 36.96 -8.69 18.58
CA VAL A 302 36.22 -7.45 18.35
C VAL A 302 36.71 -6.35 19.29
N SER A 303 37.45 -5.42 18.73
CA SER A 303 37.94 -4.25 19.44
C SER A 303 37.56 -2.97 18.70
N ASP A 304 36.56 -3.01 17.78
CA ASP A 304 36.17 -1.82 17.02
C ASP A 304 34.93 -1.10 17.62
N TYR A 305 34.44 -1.57 18.80
CA TYR A 305 33.11 -1.20 19.31
C TYR A 305 33.18 -0.38 20.56
N ILE A 306 32.39 0.73 20.58
CA ILE A 306 32.06 1.55 21.75
C ILE A 306 30.61 2.00 21.58
N ASN A 307 29.91 2.09 22.68
CA ASN A 307 28.52 2.60 22.66
C ASN A 307 28.58 4.16 22.57
N ALA A 308 28.69 4.63 21.32
CA ALA A 308 28.91 6.04 21.00
C ALA A 308 28.54 6.30 19.56
N ASN A 309 27.97 7.47 19.29
CA ASN A 309 27.65 7.95 17.94
C ASN A 309 28.20 9.36 17.67
N ILE A 310 28.61 9.59 16.45
CA ILE A 310 28.89 10.92 15.93
C ILE A 310 27.56 11.65 15.70
N ILE A 311 27.47 12.85 16.23
CA ILE A 311 26.34 13.72 16.02
C ILE A 311 26.85 14.96 15.23
N MET A 312 26.35 15.10 14.03
CA MET A 312 26.73 16.17 13.07
C MET A 312 25.54 17.15 13.03
N PRO A 313 25.69 18.48 13.24
CA PRO A 313 24.53 19.35 12.98
C PRO A 313 24.25 19.35 11.44
N GLU A 314 23.00 19.16 11.03
CA GLU A 314 22.61 19.06 9.59
C GLU A 314 21.17 19.62 9.46
N LYS A 325 30.35 24.47 12.26
CA LYS A 325 31.50 23.58 12.01
C LYS A 325 31.59 22.42 13.08
N LYS A 326 30.96 22.57 14.24
CA LYS A 326 31.30 21.70 15.41
C LYS A 326 30.50 20.42 15.39
N SER A 327 31.15 19.26 15.57
CA SER A 327 30.43 17.99 15.71
C SER A 327 30.58 17.48 17.15
N TYR A 328 29.81 16.46 17.54
CA TYR A 328 29.85 15.84 18.88
C TYR A 328 29.95 14.34 18.77
N ILE A 329 30.42 13.72 19.85
CA ILE A 329 30.21 12.28 20.09
C ILE A 329 29.32 12.20 21.29
N ALA A 330 28.16 11.55 21.14
CA ALA A 330 27.27 11.27 22.24
C ALA A 330 27.55 9.83 22.68
N THR A 331 27.87 9.66 23.99
CA THR A 331 28.26 8.34 24.47
C THR A 331 27.68 8.11 25.86
N GLN A 332 27.71 6.84 26.27
CA GLN A 332 27.39 6.43 27.62
C GLN A 332 28.50 6.73 28.64
N GLY A 333 28.12 6.71 29.92
CA GLY A 333 29.11 6.62 30.99
C GLY A 333 29.90 5.32 30.87
N CYS A 334 31.20 5.39 31.02
CA CYS A 334 32.11 4.25 31.08
C CYS A 334 31.67 3.19 32.04
N LEU A 335 31.84 1.97 31.62
CA LEU A 335 31.89 0.78 32.48
C LEU A 335 33.37 0.52 32.77
N GLN A 336 33.66 -0.32 33.81
CA GLN A 336 35.05 -0.63 34.19
C GLN A 336 35.78 -1.27 32.97
N ASN A 337 35.10 -2.10 32.20
CA ASN A 337 35.64 -2.73 31.00
C ASN A 337 35.62 -1.92 29.70
N THR A 338 35.17 -0.66 29.72
CA THR A 338 35.19 0.20 28.52
C THR A 338 36.00 1.47 28.69
N VAL A 339 36.64 1.69 29.82
CA VAL A 339 37.46 2.86 30.05
C VAL A 339 38.61 2.99 29.02
N ASN A 340 39.31 1.91 28.70
CA ASN A 340 40.37 1.90 27.71
C ASN A 340 39.86 2.24 26.33
N ASP A 341 38.71 1.67 25.94
CA ASP A 341 38.02 2.00 24.67
C ASP A 341 37.61 3.48 24.60
N PHE A 342 37.10 4.04 25.71
CA PHE A 342 36.80 5.47 25.79
C PHE A 342 38.03 6.33 25.45
N TRP A 343 39.18 6.04 26.09
CA TRP A 343 40.38 6.80 25.77
C TRP A 343 40.91 6.55 24.34
N ARG A 344 40.79 5.33 23.81
CA ARG A 344 41.08 5.08 22.40
C ARG A 344 40.25 5.97 21.50
N MET A 345 38.96 6.15 21.82
CA MET A 345 38.05 7.00 21.05
C MET A 345 38.46 8.44 21.06
N VAL A 346 38.73 8.98 22.26
CA VAL A 346 39.14 10.35 22.42
C VAL A 346 40.41 10.62 21.61
N PHE A 347 41.35 9.73 21.74
CA PHE A 347 42.62 9.86 21.02
C PHE A 347 42.40 9.80 19.49
N GLN A 348 41.74 8.78 19.02
CA GLN A 348 41.50 8.58 17.60
C GLN A 348 40.74 9.73 16.94
N GLU A 349 39.72 10.24 17.59
CA GLU A 349 38.89 11.27 17.08
C GLU A 349 39.49 12.66 17.29
N ASN A 350 40.67 12.75 17.97
CA ASN A 350 41.32 14.00 18.23
C ASN A 350 40.45 14.93 19.06
N SER A 351 39.54 14.40 19.89
CA SER A 351 38.72 15.20 20.79
C SER A 351 39.58 15.88 21.88
N ARG A 352 39.27 17.12 22.15
CA ARG A 352 39.96 17.94 23.14
C ARG A 352 39.11 18.46 24.27
N VAL A 353 37.79 18.23 24.20
CA VAL A 353 36.86 18.62 25.19
C VAL A 353 35.90 17.47 25.44
N ILE A 354 35.70 17.14 26.75
CA ILE A 354 34.69 16.18 27.20
C ILE A 354 33.75 16.89 28.13
N VAL A 355 32.46 16.64 27.94
CA VAL A 355 31.41 17.15 28.78
C VAL A 355 30.78 15.97 29.48
N MET A 356 30.85 15.95 30.79
CA MET A 356 30.24 14.91 31.61
C MET A 356 29.04 15.54 32.33
N THR A 357 27.85 14.96 32.18
CA THR A 357 26.65 15.61 32.73
C THR A 357 26.03 14.85 33.87
N THR A 358 26.78 13.95 34.52
CA THR A 358 26.31 13.15 35.66
C THR A 358 27.36 13.21 36.74
N LYS A 359 26.94 13.04 38.00
CA LYS A 359 27.89 12.62 39.01
C LYS A 359 28.24 11.14 38.74
N GLU A 360 29.33 10.64 39.32
CA GLU A 360 29.69 9.21 39.16
C GLU A 360 28.63 8.34 39.76
N VAL A 361 28.01 8.77 40.88
CA VAL A 361 26.98 8.04 41.59
C VAL A 361 25.84 8.98 41.81
N GLU A 362 24.61 8.51 41.49
CA GLU A 362 23.35 9.17 41.86
C GLU A 362 22.39 8.10 42.37
N ARG A 363 21.67 8.43 43.43
CA ARG A 363 20.74 7.55 44.16
C ARG A 363 21.44 6.19 44.48
N GLY A 364 22.70 6.24 44.83
CA GLY A 364 23.49 5.06 45.14
C GLY A 364 23.78 4.13 44.00
N LYS A 365 23.57 4.55 42.77
CA LYS A 365 23.81 3.74 41.60
C LYS A 365 24.93 4.39 40.83
N SER A 366 25.84 3.61 40.35
CA SER A 366 26.95 4.07 39.56
C SER A 366 26.36 4.43 38.17
N LYS A 367 26.65 5.62 37.71
CA LYS A 367 26.24 6.20 36.41
C LYS A 367 27.40 6.31 35.45
N CYS A 368 28.60 6.47 35.97
CA CYS A 368 29.82 6.54 35.16
C CYS A 368 30.98 6.17 36.03
N VAL A 369 31.83 5.25 35.61
CA VAL A 369 33.03 4.96 36.40
C VAL A 369 34.00 6.16 36.25
N LYS A 370 34.83 6.36 37.24
CA LYS A 370 35.88 7.37 37.17
C LYS A 370 36.92 6.88 36.15
N TYR A 371 37.03 7.59 35.02
CA TYR A 371 37.96 7.21 33.94
C TYR A 371 39.12 8.18 33.81
N TRP A 372 39.30 9.07 34.82
CA TRP A 372 40.32 10.06 34.86
C TRP A 372 41.13 9.90 36.17
N PRO A 373 42.40 10.29 36.17
CA PRO A 373 43.18 10.17 37.42
C PRO A 373 42.84 11.26 38.41
N ASP A 374 43.14 11.03 39.68
CA ASP A 374 43.05 12.10 40.72
C ASP A 374 43.95 13.25 40.36
N GLU A 375 43.73 14.43 40.93
CA GLU A 375 44.52 15.61 40.57
C GLU A 375 46.01 15.37 40.84
N TYR A 376 46.86 15.83 39.95
CA TYR A 376 48.32 15.63 39.92
C TYR A 376 48.77 14.19 39.64
N ALA A 377 47.87 13.24 39.50
CA ALA A 377 48.24 11.86 39.26
C ALA A 377 48.29 11.49 37.74
N LEU A 378 48.98 10.38 37.43
CA LEU A 378 49.16 9.85 36.10
C LEU A 378 48.73 8.42 36.12
N LYS A 379 47.90 8.00 35.14
CA LYS A 379 47.47 6.61 35.02
C LYS A 379 47.56 6.12 33.56
N GLU A 380 47.81 4.81 33.38
CA GLU A 380 47.76 4.18 32.08
C GLU A 380 46.45 3.43 31.95
N TYR A 381 45.79 3.59 30.80
CA TYR A 381 44.51 2.98 30.48
C TYR A 381 44.80 2.25 29.19
N GLY A 382 45.25 1.00 29.31
CA GLY A 382 45.66 0.24 28.13
C GLY A 382 46.86 0.92 27.48
N VAL A 383 46.78 1.21 26.17
CA VAL A 383 47.87 1.90 25.46
C VAL A 383 47.89 3.42 25.63
N MET A 384 46.92 3.99 26.35
CA MET A 384 46.88 5.44 26.59
C MET A 384 47.32 5.80 27.99
N ARG A 385 47.90 6.97 28.14
CA ARG A 385 48.32 7.49 29.42
C ARG A 385 47.65 8.83 29.60
N VAL A 386 47.14 9.13 30.81
CA VAL A 386 46.46 10.39 31.10
C VAL A 386 47.05 10.96 32.37
N ARG A 387 47.44 12.21 32.32
CA ARG A 387 47.81 13.00 33.49
C ARG A 387 46.73 14.01 33.80
N ASN A 388 46.31 14.07 35.03
CA ASN A 388 45.45 15.13 35.50
C ASN A 388 46.37 16.28 36.01
N VAL A 389 46.53 17.34 35.20
CA VAL A 389 47.43 18.47 35.47
C VAL A 389 46.87 19.34 36.59
N LYS A 390 45.58 19.64 36.51
CA LYS A 390 44.98 20.61 37.40
C LYS A 390 43.46 20.52 37.35
N GLU A 391 42.79 20.57 38.50
CA GLU A 391 41.35 20.75 38.58
C GLU A 391 41.01 22.12 39.14
N SER A 392 39.90 22.71 38.65
CA SER A 392 39.39 24.04 39.04
C SER A 392 37.93 23.84 39.28
N ALA A 393 37.44 24.20 40.46
CA ALA A 393 36.03 24.04 40.79
C ALA A 393 35.34 25.37 40.56
N ALA A 394 34.27 25.32 39.85
CA ALA A 394 33.31 26.40 39.70
C ALA A 394 32.03 25.97 40.47
N HIS A 395 31.01 26.82 40.61
CA HIS A 395 29.79 26.44 41.34
C HIS A 395 29.11 25.18 40.76
N ASP A 396 28.84 25.24 39.45
CA ASP A 396 28.03 24.19 38.84
C ASP A 396 28.89 23.03 38.27
N TYR A 397 30.23 23.20 38.13
CA TYR A 397 31.10 22.24 37.48
C TYR A 397 32.51 22.29 37.96
N THR A 398 33.25 21.20 37.66
CA THR A 398 34.67 21.08 37.84
C THR A 398 35.29 20.91 36.48
N LEU A 399 36.37 21.63 36.25
CA LEU A 399 37.14 21.50 35.05
C LEU A 399 38.42 20.73 35.42
N ARG A 400 38.73 19.70 34.65
CA ARG A 400 39.94 18.94 34.83
C ARG A 400 40.76 19.06 33.57
N GLU A 401 42.01 19.53 33.71
CA GLU A 401 42.88 19.70 32.59
C GLU A 401 43.70 18.42 32.49
N LEU A 402 43.46 17.64 31.45
CA LEU A 402 44.03 16.33 31.33
C LEU A 402 45.05 16.32 30.19
N LYS A 403 46.10 15.50 30.30
CA LYS A 403 47.05 15.36 29.18
C LYS A 403 47.02 13.92 28.77
N LEU A 404 46.70 13.65 27.49
CA LEU A 404 46.50 12.32 26.94
C LEU A 404 47.57 12.05 25.90
N SER A 405 48.20 10.90 26.00
CA SER A 405 49.23 10.49 25.05
C SER A 405 49.18 9.01 24.91
N LYS A 406 49.72 8.50 23.81
CA LYS A 406 49.89 7.08 23.64
C LYS A 406 51.21 6.66 24.36
N VAL A 407 51.18 5.57 25.13
CA VAL A 407 52.40 5.01 25.72
C VAL A 407 53.41 4.64 24.60
N GLY A 408 54.67 4.95 24.84
CA GLY A 408 55.75 4.70 23.89
C GLY A 408 55.92 5.77 22.83
N GLN A 409 55.11 6.87 22.84
CA GLN A 409 55.13 7.90 21.77
C GLN A 409 54.89 9.33 22.32
N GLY A 410 55.98 9.96 22.81
CA GLY A 410 55.89 11.21 23.58
C GLY A 410 55.26 12.37 22.83
N ASN A 411 55.57 12.44 21.52
CA ASN A 411 55.07 13.52 20.69
C ASN A 411 53.59 13.43 20.36
N THR A 412 52.83 12.50 20.98
CA THR A 412 51.37 12.44 20.79
C THR A 412 50.58 13.13 21.86
N GLU A 413 51.23 13.80 22.84
CA GLU A 413 50.47 14.41 23.92
C GLU A 413 49.58 15.59 23.44
N ARG A 414 48.32 15.57 23.90
CA ARG A 414 47.44 16.69 23.72
C ARG A 414 46.66 16.91 25.00
N THR A 415 46.27 18.15 25.25
CA THR A 415 45.39 18.50 26.36
C THR A 415 43.93 18.19 26.02
N VAL A 416 43.24 17.58 27.00
CA VAL A 416 41.83 17.24 26.91
C VAL A 416 41.24 17.89 28.13
N TRP A 417 40.28 18.78 27.91
CA TRP A 417 39.63 19.52 28.96
C TRP A 417 38.33 18.86 29.29
N GLN A 418 38.19 18.33 30.53
CA GLN A 418 36.97 17.68 30.94
C GLN A 418 36.17 18.62 31.80
N TYR A 419 34.99 18.98 31.32
CA TYR A 419 34.02 19.81 31.95
C TYR A 419 33.00 18.88 32.60
N HIS A 420 33.04 18.81 33.92
CA HIS A 420 32.19 17.92 34.68
C HIS A 420 31.10 18.70 35.39
N PHE A 421 29.89 18.69 34.80
CA PHE A 421 28.74 19.35 35.32
C PHE A 421 28.21 18.53 36.51
N ARG A 422 28.05 19.19 37.65
CA ARG A 422 27.87 18.49 38.92
C ARG A 422 26.53 18.74 39.57
N THR A 423 25.79 19.78 39.17
CA THR A 423 24.57 20.16 39.85
C THR A 423 23.29 19.81 39.14
N TRP A 424 23.30 18.95 38.11
CA TRP A 424 22.04 18.56 37.50
C TRP A 424 21.22 17.75 38.54
N PRO A 425 19.94 18.06 38.72
CA PRO A 425 19.16 17.30 39.72
C PRO A 425 19.04 15.76 39.41
N ASP A 426 18.94 14.87 40.40
CA ASP A 426 18.86 13.41 40.15
C ASP A 426 17.71 13.02 39.24
N HIS A 427 16.58 13.71 39.37
CA HIS A 427 15.41 13.63 38.49
C HIS A 427 14.97 15.07 37.96
N GLY A 428 14.32 15.06 36.85
CA GLY A 428 13.95 16.24 36.09
C GLY A 428 15.11 17.12 35.63
N VAL A 429 14.86 18.42 35.56
CA VAL A 429 15.79 19.40 34.95
C VAL A 429 16.09 20.56 35.91
N PRO A 430 17.18 21.33 35.71
CA PRO A 430 17.40 22.53 36.55
C PRO A 430 16.26 23.53 36.45
N SER A 431 15.92 24.21 37.56
CA SER A 431 14.79 25.16 37.55
C SER A 431 15.14 26.42 36.73
N ASP A 432 16.42 26.76 36.62
CA ASP A 432 16.90 27.87 35.82
C ASP A 432 18.05 27.44 34.88
N PRO A 433 18.02 27.88 33.61
CA PRO A 433 19.08 27.47 32.66
C PRO A 433 20.42 28.24 32.67
N GLY A 434 20.61 29.18 33.57
CA GLY A 434 21.83 29.98 33.60
C GLY A 434 23.11 29.22 33.84
N GLY A 435 23.06 28.24 34.74
CA GLY A 435 24.22 27.41 35.03
C GLY A 435 24.67 26.58 33.85
N VAL A 436 23.75 25.92 33.19
CA VAL A 436 24.00 25.17 31.96
C VAL A 436 24.52 26.11 30.87
N LEU A 437 23.92 27.27 30.67
CA LEU A 437 24.35 28.16 29.57
C LEU A 437 25.75 28.69 29.81
N ASP A 438 26.08 29.09 31.05
CA ASP A 438 27.42 29.54 31.38
C ASP A 438 28.44 28.42 31.17
N PHE A 439 28.07 27.21 31.56
CA PHE A 439 28.88 26.01 31.33
C PHE A 439 29.14 25.83 29.83
N LEU A 440 28.10 25.81 29.02
CA LEU A 440 28.18 25.55 27.57
C LEU A 440 28.95 26.67 26.87
N GLU A 441 28.81 27.94 27.34
CA GLU A 441 29.63 29.03 26.78
C GLU A 441 31.13 28.79 26.99
N GLU A 442 31.53 28.35 28.20
CA GLU A 442 32.90 28.04 28.52
C GLU A 442 33.40 26.85 27.71
N VAL A 443 32.53 25.83 27.48
CA VAL A 443 32.89 24.71 26.66
C VAL A 443 33.13 25.13 25.23
N HIS A 444 32.26 25.94 24.71
CA HIS A 444 32.32 26.45 23.38
C HIS A 444 33.58 27.23 23.14
N HIS A 445 33.95 28.16 24.09
CA HIS A 445 35.17 28.92 23.91
C HIS A 445 36.38 28.08 23.99
N LYS A 446 36.39 27.06 24.88
CA LYS A 446 37.53 26.17 24.96
C LYS A 446 37.72 25.46 23.61
N GLN A 447 36.66 24.86 23.11
CA GLN A 447 36.70 24.12 21.84
C GLN A 447 37.15 25.05 20.68
N GLU A 448 36.59 26.23 20.61
CA GLU A 448 36.91 27.18 19.54
C GLU A 448 38.37 27.71 19.55
N SER A 449 38.98 27.77 20.73
CA SER A 449 40.39 28.13 20.94
C SER A 449 41.41 27.10 20.52
N ILE A 450 40.98 25.84 20.22
CA ILE A 450 41.92 24.75 19.94
C ILE A 450 41.90 24.43 18.48
N MET A 451 43.01 24.72 17.80
CA MET A 451 43.14 24.49 16.35
C MET A 451 42.95 22.98 16.05
N ASP A 452 42.15 22.71 15.06
CA ASP A 452 41.76 21.41 14.52
C ASP A 452 41.23 20.42 15.56
N ALA A 453 40.62 20.91 16.67
CA ALA A 453 40.07 19.99 17.70
C ALA A 453 39.02 19.07 17.03
N GLY A 454 38.92 17.83 17.47
CA GLY A 454 37.89 16.90 17.03
C GLY A 454 36.54 17.15 17.67
N PRO A 455 35.58 16.22 17.51
CA PRO A 455 34.27 16.42 18.13
C PRO A 455 34.31 16.51 19.66
N VAL A 456 33.36 17.24 20.22
CA VAL A 456 33.25 17.40 21.64
C VAL A 456 32.53 16.14 22.13
N VAL A 457 33.16 15.43 23.05
CA VAL A 457 32.56 14.24 23.60
C VAL A 457 31.57 14.65 24.67
N VAL A 458 30.32 14.15 24.62
CA VAL A 458 29.32 14.46 25.62
C VAL A 458 28.79 13.16 26.18
N HIS A 459 28.73 13.00 27.50
CA HIS A 459 28.20 11.75 28.05
C HIS A 459 27.47 11.97 29.36
N CYS A 460 26.48 11.14 29.61
CA CYS A 460 25.80 11.09 30.88
C CYS A 460 25.94 9.63 31.40
N SER A 461 24.85 8.95 31.65
CA SER A 461 24.70 7.54 32.08
C SER A 461 24.38 6.70 30.77
N ALA A 462 23.19 6.72 30.23
CA ALA A 462 22.87 5.99 28.96
C ALA A 462 23.33 6.79 27.71
N GLY A 463 23.64 8.09 27.87
CA GLY A 463 24.10 8.94 26.79
C GLY A 463 23.03 9.44 25.79
N ILE A 464 21.76 9.55 26.23
CA ILE A 464 20.70 10.02 25.35
C ILE A 464 19.84 11.15 25.94
N GLY A 465 19.63 11.18 27.26
CA GLY A 465 18.69 12.14 27.84
C GLY A 465 19.38 13.46 28.09
N ARG A 466 20.19 13.55 29.14
CA ARG A 466 20.97 14.76 29.42
C ARG A 466 21.89 15.09 28.28
N THR A 467 22.57 14.05 27.73
CA THR A 467 23.51 14.21 26.64
C THR A 467 22.82 14.89 25.45
N GLY A 468 21.64 14.41 25.09
CA GLY A 468 20.86 14.97 24.02
C GLY A 468 20.43 16.39 24.29
N THR A 469 20.03 16.68 25.53
CA THR A 469 19.58 18.00 25.93
C THR A 469 20.72 19.01 25.82
N PHE A 470 21.89 18.66 26.33
CA PHE A 470 23.08 19.55 26.24
C PHE A 470 23.48 19.77 24.77
N ILE A 471 23.53 18.70 23.96
CA ILE A 471 23.89 18.83 22.56
C ILE A 471 22.89 19.76 21.80
N VAL A 472 21.59 19.53 21.97
CA VAL A 472 20.59 20.28 21.21
C VAL A 472 20.65 21.78 21.62
N ILE A 473 20.78 22.07 22.91
CA ILE A 473 21.00 23.44 23.38
C ILE A 473 22.24 24.04 22.72
N ASP A 474 23.33 23.26 22.72
CA ASP A 474 24.55 23.73 22.09
C ASP A 474 24.38 24.07 20.59
N ILE A 475 23.71 23.22 19.83
CA ILE A 475 23.47 23.42 18.42
C ILE A 475 22.63 24.69 18.17
N LEU A 476 21.54 24.82 18.92
CA LEU A 476 20.65 25.97 18.79
C LEU A 476 21.32 27.32 19.16
N ILE A 477 22.01 27.38 20.31
CA ILE A 477 22.77 28.56 20.72
C ILE A 477 23.83 28.90 19.65
N ASP A 478 24.51 27.89 19.10
CA ASP A 478 25.51 28.16 18.06
C ASP A 478 24.96 28.89 16.81
N ILE A 479 23.71 28.62 16.40
CA ILE A 479 23.03 29.29 15.27
C ILE A 479 22.90 30.76 15.64
N ILE A 480 22.40 31.04 16.83
CA ILE A 480 22.21 32.41 17.29
C ILE A 480 23.55 33.14 17.45
N ARG A 481 24.62 32.41 17.82
CA ARG A 481 25.99 32.95 17.87
C ARG A 481 26.52 33.39 16.50
N GLU A 482 26.28 32.59 15.45
CA GLU A 482 26.71 32.96 14.11
C GLU A 482 25.82 34.13 13.64
N LYS A 483 24.49 33.94 13.65
CA LYS A 483 23.53 34.79 12.93
C LYS A 483 22.80 35.84 13.75
N GLY A 484 23.15 36.01 15.02
CA GLY A 484 22.50 36.97 15.89
C GLY A 484 21.05 36.65 16.21
N VAL A 485 20.44 37.55 16.99
CA VAL A 485 19.07 37.42 17.50
C VAL A 485 17.99 37.30 16.39
N ASP A 486 18.27 37.76 15.14
CA ASP A 486 17.31 37.68 14.03
C ASP A 486 17.60 36.50 13.07
N CYS A 487 17.35 35.24 13.51
CA CYS A 487 17.57 34.01 12.71
C CYS A 487 16.46 32.98 12.97
N ASP A 488 16.27 32.05 12.03
CA ASP A 488 15.27 30.99 12.21
C ASP A 488 15.83 29.81 13.03
N ILE A 489 15.07 29.40 14.06
CA ILE A 489 15.29 28.15 14.76
C ILE A 489 14.01 27.28 14.78
N ASP A 490 14.21 25.98 14.89
CA ASP A 490 13.13 25.02 14.86
C ASP A 490 13.51 23.85 15.78
N VAL A 491 13.05 23.93 17.02
CA VAL A 491 13.49 23.05 18.08
C VAL A 491 13.19 21.60 17.75
N PRO A 492 11.91 21.21 17.45
CA PRO A 492 11.66 19.80 17.20
C PRO A 492 12.32 19.26 15.95
N LYS A 493 12.53 20.10 14.93
CA LYS A 493 13.21 19.65 13.73
C LYS A 493 14.67 19.32 14.06
N THR A 494 15.32 20.13 14.91
CA THR A 494 16.69 19.93 15.35
C THR A 494 16.76 18.62 16.14
N ILE A 495 15.81 18.39 17.04
CA ILE A 495 15.81 17.18 17.87
C ILE A 495 15.63 15.96 16.97
N GLN A 496 14.70 16.02 15.99
CA GLN A 496 14.49 14.86 15.09
C GLN A 496 15.77 14.52 14.34
N MET A 497 16.49 15.51 13.90
CA MET A 497 17.75 15.33 13.16
C MET A 497 18.85 14.66 14.04
N VAL A 498 18.95 15.10 15.28
CA VAL A 498 19.90 14.48 16.24
C VAL A 498 19.44 13.08 16.61
N ARG A 499 18.15 12.85 16.74
CA ARG A 499 17.54 11.55 16.97
C ARG A 499 17.74 10.54 15.87
N SER A 500 17.95 11.00 14.64
CA SER A 500 18.32 10.13 13.55
C SER A 500 19.76 9.66 13.64
N GLN A 501 20.56 10.20 14.60
CA GLN A 501 21.95 9.85 14.70
C GLN A 501 22.28 9.09 16.00
N ARG A 502 21.48 9.21 17.02
CA ARG A 502 21.52 8.34 18.18
C ARG A 502 20.12 8.25 18.75
N SER A 503 19.71 7.03 19.17
CA SER A 503 18.36 6.72 19.64
C SER A 503 17.91 7.54 20.81
N GLY A 504 16.74 8.15 20.72
CA GLY A 504 16.11 8.75 21.87
C GLY A 504 16.75 10.01 22.42
N MET A 505 17.61 10.70 21.66
CA MET A 505 18.21 11.95 22.08
C MET A 505 17.11 12.96 22.46
N VAL A 506 17.17 13.40 23.72
CA VAL A 506 16.20 14.22 24.43
C VAL A 506 15.10 13.26 24.82
N GLN A 507 14.99 12.95 26.10
CA GLN A 507 14.11 11.92 26.58
C GLN A 507 12.72 12.36 27.03
N THR A 508 12.61 13.52 27.65
CA THR A 508 11.35 13.91 28.34
C THR A 508 10.83 15.27 27.93
N GLU A 509 9.54 15.51 28.18
CA GLU A 509 8.93 16.81 27.95
C GLU A 509 9.55 17.92 28.81
N ALA A 510 10.01 17.59 30.03
CA ALA A 510 10.70 18.52 30.88
C ALA A 510 12.05 18.98 30.27
N GLN A 511 12.80 18.05 29.63
CA GLN A 511 14.01 18.44 28.87
C GLN A 511 13.62 19.31 27.66
N TYR A 512 12.54 19.00 27.01
CA TYR A 512 12.06 19.71 25.85
C TYR A 512 11.78 21.17 26.21
N ARG A 513 11.03 21.40 27.31
CA ARG A 513 10.75 22.74 27.80
C ARG A 513 12.02 23.43 28.25
N PHE A 514 12.93 22.70 28.93
CA PHE A 514 14.19 23.27 29.35
C PHE A 514 15.02 23.81 28.19
N ILE A 515 15.01 23.10 27.06
CA ILE A 515 15.67 23.53 25.83
C ILE A 515 15.11 24.91 25.38
N TYR A 516 13.79 25.03 25.26
CA TYR A 516 13.16 26.34 24.96
C TYR A 516 13.53 27.42 25.97
N MET A 517 13.51 27.10 27.26
CA MET A 517 13.89 28.05 28.29
C MET A 517 15.35 28.48 28.18
N ALA A 518 16.26 27.56 27.83
CA ALA A 518 17.66 27.88 27.73
C ALA A 518 17.86 28.85 26.54
N VAL A 519 17.27 28.56 25.38
CA VAL A 519 17.40 29.42 24.21
C VAL A 519 16.82 30.83 24.50
N GLN A 520 15.66 30.88 25.15
CA GLN A 520 15.04 32.15 25.59
C GLN A 520 15.99 32.97 26.48
N HIS A 521 16.61 32.34 27.49
CA HIS A 521 17.54 33.01 28.39
C HIS A 521 18.76 33.47 27.62
N TYR A 522 19.25 32.67 26.67
CA TYR A 522 20.39 33.06 25.85
C TYR A 522 20.05 34.36 25.04
N ILE A 523 18.90 34.36 24.39
CA ILE A 523 18.43 35.50 23.60
C ILE A 523 18.27 36.76 24.46
N GLU A 524 17.63 36.64 25.63
CA GLU A 524 17.44 37.76 26.53
C GLU A 524 18.82 38.34 26.93
N THR A 525 19.78 37.51 27.38
CA THR A 525 21.07 38.05 27.83
C THR A 525 21.77 38.83 26.70
N LEU A 526 21.61 38.40 25.42
CA LEU A 526 22.12 39.12 24.24
C LEU A 526 21.35 40.43 23.90
N GLN A 527 20.04 40.50 24.17
CA GLN A 527 19.23 41.72 23.98
C GLN A 527 19.55 42.76 25.07
N ARG A 528 19.65 42.28 26.32
CA ARG A 528 20.20 43.01 27.48
C ARG A 528 21.55 43.67 27.13
N ARG A 529 22.39 43.00 26.36
CA ARG A 529 23.63 43.61 25.85
C ARG A 529 23.36 44.37 24.55
N SER B 4 -10.40 -4.49 -5.33
CA SER B 4 -10.78 -3.88 -6.61
C SER B 4 -12.15 -4.46 -7.16
N ARG B 5 -12.55 -5.75 -6.86
CA ARG B 5 -13.97 -6.17 -7.11
C ARG B 5 -14.69 -6.65 -5.87
N ARG B 6 -14.39 -5.99 -4.80
CA ARG B 6 -14.80 -6.42 -3.48
C ARG B 6 -16.29 -6.14 -3.21
N TRP B 7 -16.92 -5.24 -4.00
CA TRP B 7 -18.32 -4.89 -3.92
C TRP B 7 -19.26 -5.96 -4.43
N PHE B 8 -18.75 -7.04 -5.02
CA PHE B 8 -19.55 -8.17 -5.43
C PHE B 8 -19.57 -9.22 -4.32
N HIS B 9 -20.74 -9.60 -3.89
CA HIS B 9 -20.96 -10.55 -2.79
C HIS B 9 -21.60 -11.80 -3.37
N PRO B 10 -20.84 -12.88 -3.60
CA PRO B 10 -21.42 -14.03 -4.31
C PRO B 10 -22.47 -14.85 -3.61
N ASN B 11 -22.49 -14.90 -2.27
CA ASN B 11 -23.35 -15.86 -1.55
C ASN B 11 -24.29 -15.18 -0.55
N ILE B 12 -24.62 -13.92 -0.78
CA ILE B 12 -25.51 -13.15 0.10
C ILE B 12 -26.98 -13.20 -0.44
N THR B 13 -27.99 -13.09 0.46
CA THR B 13 -29.41 -12.95 0.11
C THR B 13 -29.79 -11.43 0.11
N GLY B 14 -30.96 -11.11 -0.42
CA GLY B 14 -31.51 -9.76 -0.40
C GLY B 14 -31.57 -9.12 0.96
N VAL B 15 -32.07 -9.85 1.97
CA VAL B 15 -32.21 -9.27 3.32
C VAL B 15 -30.85 -9.13 3.99
N GLU B 16 -29.94 -10.09 3.79
CA GLU B 16 -28.55 -9.91 4.23
C GLU B 16 -27.92 -8.65 3.59
N ALA B 17 -28.16 -8.41 2.29
CA ALA B 17 -27.66 -7.22 1.62
C ALA B 17 -28.23 -5.94 2.21
N GLU B 18 -29.54 -5.91 2.47
CA GLU B 18 -30.17 -4.78 3.16
C GLU B 18 -29.54 -4.51 4.51
N ASN B 19 -29.42 -5.54 5.35
CA ASN B 19 -28.90 -5.35 6.70
C ASN B 19 -27.44 -4.92 6.67
N LEU B 20 -26.66 -5.41 5.71
CA LEU B 20 -25.28 -4.97 5.55
C LEU B 20 -25.19 -3.49 5.24
N LEU B 21 -26.00 -3.02 4.30
CA LEU B 21 -26.00 -1.60 3.94
C LEU B 21 -26.51 -0.68 5.05
N LEU B 22 -27.46 -1.18 5.84
CA LEU B 22 -28.08 -0.39 6.90
C LEU B 22 -27.19 -0.33 8.13
N THR B 23 -26.44 -1.41 8.45
CA THR B 23 -25.55 -1.45 9.62
C THR B 23 -24.09 -1.10 9.33
N ARG B 24 -23.53 -1.53 8.19
CA ARG B 24 -22.12 -1.26 7.84
C ARG B 24 -21.92 -0.11 6.78
N GLY B 25 -23.00 0.33 6.11
CA GLY B 25 -22.92 1.40 5.13
C GLY B 25 -23.51 2.74 5.54
N VAL B 26 -23.40 3.70 4.61
CA VAL B 26 -24.01 5.05 4.67
C VAL B 26 -24.74 5.37 3.34
N ASP B 27 -25.38 6.55 3.20
CA ASP B 27 -25.99 6.92 1.91
C ASP B 27 -24.89 6.96 0.83
N GLY B 28 -25.17 6.32 -0.32
CA GLY B 28 -24.18 6.14 -1.37
C GLY B 28 -23.44 4.81 -1.31
N SER B 29 -23.56 4.06 -0.19
CA SER B 29 -23.04 2.70 -0.12
C SER B 29 -23.76 1.79 -1.09
N PHE B 30 -23.01 0.84 -1.68
CA PHE B 30 -23.62 -0.10 -2.62
C PHE B 30 -22.85 -1.41 -2.66
N LEU B 31 -23.53 -2.43 -3.11
CA LEU B 31 -22.96 -3.71 -3.44
C LEU B 31 -23.73 -4.35 -4.62
N ALA B 32 -23.16 -5.39 -5.20
CA ALA B 32 -23.85 -6.17 -6.21
C ALA B 32 -23.80 -7.63 -5.82
N ARG B 33 -24.77 -8.38 -6.27
CA ARG B 33 -24.94 -9.78 -5.87
C ARG B 33 -25.69 -10.55 -6.95
N PRO B 34 -25.50 -11.88 -7.02
CA PRO B 34 -26.29 -12.66 -7.97
C PRO B 34 -27.75 -12.68 -7.55
N SER B 35 -28.65 -12.69 -8.54
CA SER B 35 -30.07 -12.63 -8.21
C SER B 35 -30.48 -14.02 -7.76
N LYS B 36 -31.19 -14.08 -6.64
CA LYS B 36 -31.84 -15.28 -6.16
C LYS B 36 -33.22 -15.38 -6.88
N SER B 37 -33.95 -14.25 -6.99
CA SER B 37 -35.21 -14.08 -7.76
C SER B 37 -35.19 -14.60 -9.21
N ASN B 38 -34.03 -14.57 -9.86
CA ASN B 38 -33.93 -15.01 -11.26
C ASN B 38 -32.48 -15.29 -11.57
N PRO B 39 -31.98 -16.52 -11.38
CA PRO B 39 -30.54 -16.75 -11.56
C PRO B 39 -30.11 -16.62 -13.03
N GLY B 40 -28.86 -16.21 -13.20
CA GLY B 40 -28.38 -15.59 -14.43
C GLY B 40 -28.34 -14.07 -14.33
N ASP B 41 -29.28 -13.48 -13.57
CA ASP B 41 -29.36 -12.04 -13.40
C ASP B 41 -28.69 -11.59 -12.08
N PHE B 42 -28.68 -10.27 -11.81
CA PHE B 42 -27.92 -9.68 -10.72
C PHE B 42 -28.71 -8.49 -10.16
N THR B 43 -28.35 -8.06 -8.99
CA THR B 43 -28.95 -6.93 -8.32
C THR B 43 -27.88 -5.96 -7.85
N LEU B 44 -28.07 -4.68 -8.11
CA LEU B 44 -27.29 -3.63 -7.53
C LEU B 44 -28.14 -3.14 -6.33
N SER B 45 -27.63 -3.29 -5.12
CA SER B 45 -28.30 -2.82 -3.91
C SER B 45 -27.62 -1.56 -3.41
N VAL B 46 -28.38 -0.48 -3.19
CA VAL B 46 -27.84 0.85 -2.96
C VAL B 46 -28.56 1.51 -1.78
N ARG B 47 -27.83 2.10 -0.87
CA ARG B 47 -28.40 2.91 0.21
C ARG B 47 -28.57 4.38 -0.24
N ARG B 48 -29.80 4.94 -0.07
CA ARG B 48 -30.11 6.35 -0.34
C ARG B 48 -31.18 6.85 0.65
N ASN B 49 -30.99 8.03 1.27
CA ASN B 49 -31.90 8.56 2.31
C ASN B 49 -32.31 7.49 3.38
N GLY B 50 -31.30 6.89 4.03
CA GLY B 50 -31.51 5.85 5.04
C GLY B 50 -32.32 4.61 4.65
N ALA B 51 -32.64 4.44 3.34
CA ALA B 51 -33.35 3.28 2.80
C ALA B 51 -32.51 2.57 1.72
N VAL B 52 -32.78 1.27 1.47
CA VAL B 52 -32.11 0.47 0.46
C VAL B 52 -33.01 0.30 -0.77
N THR B 53 -32.44 0.50 -1.93
CA THR B 53 -33.06 0.27 -3.24
C THR B 53 -32.36 -0.92 -3.88
N HIS B 54 -33.10 -1.77 -4.56
CA HIS B 54 -32.54 -2.86 -5.33
C HIS B 54 -32.83 -2.60 -6.80
N ILE B 55 -31.78 -2.62 -7.65
CA ILE B 55 -31.90 -2.31 -9.06
C ILE B 55 -31.47 -3.56 -9.83
N LYS B 56 -32.33 -4.05 -10.65
CA LYS B 56 -32.10 -5.28 -11.41
C LYS B 56 -31.14 -5.06 -12.60
N ILE B 57 -30.28 -6.02 -12.82
CA ILE B 57 -29.43 -6.09 -13.99
C ILE B 57 -29.67 -7.44 -14.62
N GLN B 58 -30.09 -7.47 -15.88
CA GLN B 58 -30.27 -8.74 -16.60
C GLN B 58 -29.17 -8.95 -17.59
N ASN B 59 -28.75 -10.19 -17.79
CA ASN B 59 -27.89 -10.57 -18.89
C ASN B 59 -28.38 -11.86 -19.54
N THR B 60 -28.95 -11.77 -20.75
CA THR B 60 -29.34 -12.99 -21.50
C THR B 60 -28.26 -13.58 -22.40
N GLY B 61 -27.10 -12.93 -22.44
CA GLY B 61 -26.00 -13.40 -23.26
C GLY B 61 -25.31 -12.31 -24.05
N ASP B 62 -25.89 -11.11 -24.17
CA ASP B 62 -25.34 -10.09 -25.07
C ASP B 62 -24.64 -8.95 -24.35
N TYR B 63 -25.12 -8.57 -23.16
CA TYR B 63 -24.63 -7.42 -22.38
C TYR B 63 -25.35 -7.40 -21.01
N TYR B 64 -24.83 -6.64 -20.05
CA TYR B 64 -25.52 -6.39 -18.79
C TYR B 64 -26.45 -5.27 -19.03
N ASP B 65 -27.73 -5.48 -18.81
CA ASP B 65 -28.73 -4.43 -18.97
C ASP B 65 -29.23 -3.97 -17.60
N LEU B 66 -28.81 -2.79 -17.17
CA LEU B 66 -29.19 -2.22 -15.87
C LEU B 66 -30.54 -1.56 -16.00
N TYR B 67 -31.53 -2.03 -15.28
CA TYR B 67 -32.91 -1.51 -15.36
C TYR B 67 -32.94 -0.01 -15.05
N GLY B 68 -33.37 0.81 -15.99
CA GLY B 68 -33.36 2.27 -15.79
C GLY B 68 -32.04 2.98 -16.04
N GLY B 69 -31.04 2.21 -16.47
CA GLY B 69 -29.68 2.67 -16.74
C GLY B 69 -29.25 2.20 -18.12
N GLU B 70 -27.96 2.09 -18.34
CA GLU B 70 -27.43 1.72 -19.66
C GLU B 70 -26.99 0.23 -19.73
N LYS B 71 -26.47 -0.16 -20.87
CA LYS B 71 -25.94 -1.51 -21.12
C LYS B 71 -24.44 -1.51 -21.01
N PHE B 72 -23.91 -2.55 -20.40
CA PHE B 72 -22.50 -2.65 -20.10
C PHE B 72 -21.92 -3.99 -20.46
N ALA B 73 -20.59 -4.00 -20.65
CA ALA B 73 -19.87 -5.20 -21.02
C ALA B 73 -19.50 -6.06 -19.83
N THR B 74 -19.26 -5.41 -18.64
CA THR B 74 -18.94 -6.10 -17.37
C THR B 74 -19.53 -5.29 -16.21
N LEU B 75 -19.78 -5.95 -15.12
CA LEU B 75 -20.22 -5.28 -13.90
C LEU B 75 -19.16 -4.32 -13.40
N ALA B 76 -17.87 -4.66 -13.53
CA ALA B 76 -16.82 -3.70 -13.13
C ALA B 76 -16.88 -2.43 -13.99
N GLU B 77 -17.12 -2.54 -15.30
CA GLU B 77 -17.28 -1.36 -16.17
C GLU B 77 -18.54 -0.56 -15.79
N LEU B 78 -19.61 -1.23 -15.41
CA LEU B 78 -20.85 -0.60 -14.94
C LEU B 78 -20.56 0.24 -13.67
N VAL B 79 -19.87 -0.33 -12.69
CA VAL B 79 -19.60 0.35 -11.44
C VAL B 79 -18.63 1.51 -11.69
N GLN B 80 -17.57 1.32 -12.47
CA GLN B 80 -16.64 2.40 -12.81
C GLN B 80 -17.35 3.55 -13.49
N TYR B 81 -18.29 3.26 -14.42
CA TYR B 81 -19.01 4.31 -15.12
C TYR B 81 -19.78 5.17 -14.11
N TYR B 82 -20.55 4.55 -13.21
CA TYR B 82 -21.40 5.33 -12.31
C TYR B 82 -20.60 5.97 -11.12
N MET B 83 -19.57 5.32 -10.59
CA MET B 83 -18.67 5.96 -9.59
C MET B 83 -17.90 7.16 -10.16
N GLU B 84 -17.80 7.29 -11.49
CA GLU B 84 -17.22 8.46 -12.16
C GLU B 84 -18.30 9.34 -12.87
N HIS B 85 -19.60 9.09 -12.63
CA HIS B 85 -20.74 9.75 -13.30
C HIS B 85 -21.94 9.80 -12.33
N HIS B 86 -22.01 10.82 -11.46
CA HIS B 86 -23.20 11.05 -10.61
C HIS B 86 -24.29 11.80 -11.40
N GLY B 87 -25.51 11.79 -10.87
CA GLY B 87 -26.67 12.28 -11.60
C GLY B 87 -27.05 11.47 -12.82
N GLN B 88 -26.34 10.33 -13.04
CA GLN B 88 -26.35 9.52 -14.26
C GLN B 88 -27.22 8.28 -14.05
N LEU B 89 -27.05 7.56 -12.93
CA LEU B 89 -28.00 6.51 -12.58
C LEU B 89 -29.28 7.10 -11.99
N LYS B 90 -30.39 6.86 -12.66
CA LYS B 90 -31.70 7.27 -12.20
C LYS B 90 -32.57 6.02 -12.01
N GLU B 91 -33.43 6.00 -10.98
CA GLU B 91 -34.58 5.05 -11.04
C GLU B 91 -35.48 5.43 -12.23
N LYS B 92 -36.38 4.53 -12.67
CA LYS B 92 -37.31 4.90 -13.73
C LYS B 92 -38.28 6.02 -13.23
N ASN B 93 -38.41 6.27 -11.87
CA ASN B 93 -39.08 7.48 -11.36
C ASN B 93 -38.37 8.81 -11.78
N GLY B 94 -37.12 8.69 -12.22
CA GLY B 94 -36.26 9.79 -12.60
C GLY B 94 -35.27 10.22 -11.53
N ASP B 95 -35.51 9.86 -10.26
CA ASP B 95 -34.66 10.31 -9.15
C ASP B 95 -33.26 9.67 -9.22
N VAL B 96 -32.22 10.49 -8.96
CA VAL B 96 -30.84 10.04 -9.05
C VAL B 96 -30.48 9.10 -7.92
N ILE B 97 -29.76 8.03 -8.27
CA ILE B 97 -29.21 7.06 -7.34
C ILE B 97 -27.69 7.25 -7.48
N GLU B 98 -27.01 7.60 -6.38
CA GLU B 98 -25.57 7.81 -6.41
C GLU B 98 -24.86 6.56 -5.89
N LEU B 99 -23.86 6.06 -6.64
CA LEU B 99 -22.98 4.98 -6.20
C LEU B 99 -21.65 5.58 -5.76
N LYS B 100 -21.45 5.70 -4.46
CA LYS B 100 -20.26 6.38 -3.92
C LYS B 100 -19.30 5.45 -3.24
N TYR B 101 -19.81 4.53 -2.40
CA TYR B 101 -18.99 3.79 -1.47
C TYR B 101 -19.23 2.32 -1.64
N PRO B 102 -18.29 1.60 -2.31
CA PRO B 102 -18.43 0.14 -2.38
C PRO B 102 -18.44 -0.48 -1.00
N LEU B 103 -19.26 -1.49 -0.79
CA LEU B 103 -19.37 -2.17 0.50
C LEU B 103 -18.70 -3.48 0.31
N ASN B 104 -17.51 -3.65 0.93
CA ASN B 104 -16.67 -4.81 0.62
C ASN B 104 -17.15 -6.10 1.22
N CYS B 105 -16.98 -7.16 0.47
CA CYS B 105 -17.30 -8.53 0.82
C CYS B 105 -16.06 -9.19 1.42
N ALA B 106 -16.26 -9.99 2.49
CA ALA B 106 -15.20 -10.73 3.18
C ALA B 106 -15.12 -12.19 2.70
N ASP B 107 -16.15 -12.70 1.99
CA ASP B 107 -16.21 -14.10 1.58
C ASP B 107 -14.99 -14.41 0.65
N PRO B 108 -14.17 -15.42 0.97
CA PRO B 108 -13.02 -15.75 0.10
C PRO B 108 -13.27 -16.72 -1.07
N THR B 109 -14.50 -17.23 -1.26
CA THR B 109 -14.69 -18.38 -2.15
C THR B 109 -14.44 -18.16 -3.63
N SER B 110 -14.51 -16.92 -4.16
CA SER B 110 -14.21 -16.69 -5.59
C SER B 110 -12.79 -16.19 -5.80
N GLU B 111 -11.89 -16.36 -4.78
CA GLU B 111 -10.48 -16.09 -4.95
C GLU B 111 -9.87 -17.35 -5.50
N ARG B 112 -9.02 -17.18 -6.51
CA ARG B 112 -8.35 -18.31 -7.15
C ARG B 112 -7.53 -19.13 -6.15
N TRP B 113 -6.92 -18.43 -5.18
CA TRP B 113 -6.09 -19.04 -4.12
C TRP B 113 -6.83 -19.79 -3.00
N PHE B 114 -8.13 -19.67 -2.86
CA PHE B 114 -8.85 -20.32 -1.76
C PHE B 114 -9.29 -21.74 -2.12
N HIS B 115 -8.81 -22.77 -1.38
CA HIS B 115 -9.19 -24.18 -1.57
C HIS B 115 -10.03 -24.84 -0.42
N GLY B 116 -10.53 -24.08 0.55
CA GLY B 116 -11.31 -24.63 1.65
C GLY B 116 -10.76 -25.88 2.30
N HIS B 117 -11.55 -26.98 2.38
CA HIS B 117 -11.11 -28.21 3.03
C HIS B 117 -9.97 -28.82 2.24
N LEU B 118 -8.80 -29.02 2.90
CA LEU B 118 -7.61 -29.55 2.23
C LEU B 118 -6.49 -29.76 3.26
N SER B 119 -5.90 -30.97 3.32
CA SER B 119 -4.86 -31.27 4.31
C SER B 119 -3.53 -30.66 3.88
N GLY B 120 -2.60 -30.55 4.80
CA GLY B 120 -1.25 -30.11 4.51
C GLY B 120 -0.54 -31.03 3.53
N LYS B 121 -0.82 -32.34 3.62
CA LYS B 121 -0.25 -33.36 2.73
C LYS B 121 -0.85 -33.21 1.32
N GLU B 122 -2.18 -33.06 1.19
CA GLU B 122 -2.85 -32.81 -0.10
C GLU B 122 -2.31 -31.51 -0.74
N ALA B 123 -2.31 -30.37 0.01
CA ALA B 123 -1.79 -29.10 -0.47
C ALA B 123 -0.33 -29.21 -0.84
N GLU B 124 0.46 -30.01 -0.11
CA GLU B 124 1.87 -30.20 -0.42
C GLU B 124 2.05 -30.93 -1.75
N LYS B 125 1.25 -31.96 -2.03
CA LYS B 125 1.37 -32.71 -3.29
C LYS B 125 0.88 -31.83 -4.46
N LEU B 126 -0.22 -31.08 -4.26
CA LEU B 126 -0.70 -30.14 -5.28
C LEU B 126 0.37 -29.07 -5.58
N LEU B 127 0.95 -28.43 -4.55
CA LEU B 127 2.04 -27.47 -4.75
C LEU B 127 3.28 -28.11 -5.33
N THR B 128 3.55 -29.39 -5.05
CA THR B 128 4.74 -30.07 -5.57
C THR B 128 4.59 -30.41 -7.03
N GLU B 129 3.41 -30.91 -7.44
CA GLU B 129 3.15 -31.37 -8.82
C GLU B 129 2.81 -30.23 -9.77
N LYS B 130 1.96 -29.29 -9.34
CA LYS B 130 1.46 -28.20 -10.18
C LYS B 130 2.17 -26.88 -9.91
N GLY B 131 2.58 -26.65 -8.66
CA GLY B 131 3.13 -25.36 -8.26
C GLY B 131 4.58 -25.10 -8.63
N LYS B 132 4.94 -23.85 -8.45
CA LYS B 132 6.22 -23.27 -8.81
C LYS B 132 6.62 -22.28 -7.67
N HIS B 133 7.81 -21.65 -7.73
CA HIS B 133 8.18 -20.63 -6.74
C HIS B 133 7.13 -19.54 -6.64
N GLY B 134 6.67 -19.29 -5.42
CA GLY B 134 5.64 -18.31 -5.13
C GLY B 134 4.24 -18.81 -5.32
N SER B 135 4.04 -20.09 -5.68
CA SER B 135 2.67 -20.61 -5.81
C SER B 135 2.11 -20.81 -4.44
N PHE B 136 0.87 -20.44 -4.25
CA PHE B 136 0.30 -20.41 -2.92
C PHE B 136 -1.17 -20.74 -2.92
N LEU B 137 -1.65 -21.14 -1.77
CA LEU B 137 -3.06 -21.32 -1.51
C LEU B 137 -3.39 -21.02 -0.05
N VAL B 138 -4.69 -20.84 0.22
CA VAL B 138 -5.27 -20.70 1.53
C VAL B 138 -6.30 -21.82 1.64
N ARG B 139 -6.32 -22.48 2.80
CA ARG B 139 -7.16 -23.63 3.10
C ARG B 139 -7.54 -23.62 4.56
N GLU B 140 -8.70 -24.21 4.87
CA GLU B 140 -9.09 -24.38 6.25
C GLU B 140 -8.12 -25.28 7.03
N SER B 141 -8.05 -25.02 8.33
CA SER B 141 -7.26 -25.83 9.23
C SER B 141 -8.15 -26.98 9.69
N GLN B 142 -7.59 -28.20 9.74
CA GLN B 142 -8.35 -29.36 10.22
C GLN B 142 -8.15 -29.47 11.76
N SER B 143 -6.94 -29.15 12.25
CA SER B 143 -6.59 -29.27 13.65
C SER B 143 -7.31 -28.22 14.51
N HIS B 144 -7.33 -26.96 14.06
CA HIS B 144 -7.91 -25.83 14.78
C HIS B 144 -9.12 -25.35 14.01
N PRO B 145 -10.36 -25.74 14.38
CA PRO B 145 -11.51 -25.33 13.57
C PRO B 145 -11.66 -23.82 13.53
N GLY B 146 -12.03 -23.31 12.36
CA GLY B 146 -12.23 -21.89 12.15
C GLY B 146 -10.98 -21.13 11.73
N ASP B 147 -9.78 -21.71 11.92
CA ASP B 147 -8.52 -21.14 11.44
C ASP B 147 -8.25 -21.54 9.98
N PHE B 148 -7.21 -20.93 9.38
CA PHE B 148 -6.82 -21.13 8.01
C PHE B 148 -5.34 -21.32 7.95
N VAL B 149 -4.85 -21.86 6.85
CA VAL B 149 -3.41 -22.03 6.63
C VAL B 149 -3.11 -21.44 5.26
N LEU B 150 -2.01 -20.73 5.18
CA LEU B 150 -1.45 -20.27 3.95
C LEU B 150 -0.31 -21.20 3.63
N SER B 151 -0.44 -21.97 2.55
CA SER B 151 0.64 -22.84 2.07
C SER B 151 1.29 -22.29 0.83
N VAL B 152 2.60 -22.08 0.88
CA VAL B 152 3.38 -21.33 -0.10
C VAL B 152 4.55 -22.19 -0.54
N ARG B 153 4.81 -22.30 -1.86
CA ARG B 153 5.97 -22.98 -2.35
C ARG B 153 7.07 -21.97 -2.63
N THR B 154 8.31 -22.32 -2.29
CA THR B 154 9.49 -21.47 -2.49
C THR B 154 10.63 -22.35 -3.03
N GLY B 155 11.59 -21.76 -3.73
CA GLY B 155 12.68 -22.52 -4.32
C GLY B 155 13.02 -22.23 -5.76
N ASP B 156 13.05 -23.31 -6.58
CA ASP B 156 13.82 -23.35 -7.84
C ASP B 156 12.93 -23.71 -9.08
N ASP B 157 12.58 -25.00 -9.31
CA ASP B 157 11.86 -25.45 -10.52
C ASP B 157 10.34 -25.31 -10.36
N SER B 161 13.33 -31.72 -10.72
CA SER B 161 13.56 -32.95 -9.97
C SER B 161 13.48 -32.67 -8.46
N ASN B 162 12.90 -33.62 -7.68
CA ASN B 162 12.69 -33.42 -6.25
C ASN B 162 13.97 -33.61 -5.44
N ASP B 163 14.81 -32.56 -5.42
CA ASP B 163 16.17 -32.58 -4.85
C ASP B 163 16.34 -31.62 -3.65
N GLY B 164 15.26 -31.18 -3.03
CA GLY B 164 15.32 -30.36 -1.83
C GLY B 164 15.69 -28.91 -2.05
N LYS B 165 15.91 -28.50 -3.32
CA LYS B 165 16.12 -27.07 -3.62
C LYS B 165 14.83 -26.24 -3.49
N SER B 166 13.64 -26.90 -3.46
CA SER B 166 12.37 -26.23 -3.18
C SER B 166 11.66 -26.85 -1.97
N LYS B 167 10.66 -26.13 -1.42
CA LYS B 167 9.91 -26.53 -0.23
C LYS B 167 8.52 -25.89 -0.19
N VAL B 168 7.61 -26.44 0.64
CA VAL B 168 6.35 -25.80 0.98
C VAL B 168 6.41 -25.38 2.46
N THR B 169 6.20 -24.08 2.73
CA THR B 169 6.03 -23.53 4.08
C THR B 169 4.51 -23.36 4.34
N HIS B 170 4.06 -23.67 5.55
CA HIS B 170 2.67 -23.52 6.00
C HIS B 170 2.65 -22.42 7.08
N VAL B 171 1.90 -21.33 6.86
CA VAL B 171 1.78 -20.26 7.83
C VAL B 171 0.37 -20.34 8.37
N MET B 172 0.20 -20.47 9.70
CA MET B 172 -1.11 -20.54 10.30
C MET B 172 -1.74 -19.15 10.34
N ILE B 173 -3.04 -19.07 10.11
CA ILE B 173 -3.83 -17.85 10.06
C ILE B 173 -4.94 -18.03 11.06
N ARG B 174 -4.90 -17.27 12.16
CA ARG B 174 -5.96 -17.28 13.15
C ARG B 174 -7.10 -16.41 12.74
N CYS B 175 -8.30 -16.82 13.08
CA CYS B 175 -9.49 -16.01 12.90
C CYS B 175 -10.00 -15.72 14.33
N GLN B 176 -9.92 -14.46 14.78
CA GLN B 176 -10.35 -14.03 16.09
C GLN B 176 -11.23 -12.78 15.93
N GLU B 177 -12.47 -12.83 16.50
CA GLU B 177 -13.53 -11.84 16.37
C GLU B 177 -13.74 -11.36 14.92
N LEU B 178 -13.92 -12.33 14.01
CA LEU B 178 -14.01 -12.17 12.55
C LEU B 178 -12.87 -11.35 11.90
N LYS B 179 -11.71 -11.21 12.58
CA LYS B 179 -10.50 -10.68 11.95
C LYS B 179 -9.42 -11.77 11.82
N TYR B 180 -8.49 -11.61 10.89
CA TYR B 180 -7.52 -12.64 10.53
C TYR B 180 -6.12 -12.13 10.80
N ASP B 181 -5.24 -12.96 11.36
CA ASP B 181 -3.84 -12.61 11.53
C ASP B 181 -2.93 -13.84 11.42
N VAL B 182 -1.64 -13.63 11.19
CA VAL B 182 -0.63 -14.70 11.16
C VAL B 182 0.19 -14.82 12.45
N GLY B 183 -0.35 -14.37 13.59
CA GLY B 183 0.30 -14.53 14.89
C GLY B 183 0.79 -13.25 15.54
N GLY B 184 0.78 -12.16 14.77
CA GLY B 184 1.15 -10.85 15.29
C GLY B 184 0.93 -9.78 14.25
N GLY B 185 1.13 -8.53 14.64
CA GLY B 185 1.01 -7.41 13.75
C GLY B 185 -0.44 -7.09 13.50
N GLU B 186 -0.79 -6.92 12.22
CA GLU B 186 -2.07 -6.37 11.83
C GLU B 186 -3.13 -7.47 11.83
N ARG B 187 -4.35 -7.11 12.20
CA ARG B 187 -5.50 -7.99 12.08
C ARG B 187 -6.38 -7.45 10.95
N PHE B 188 -6.72 -8.31 10.02
CA PHE B 188 -7.41 -7.90 8.77
C PHE B 188 -8.86 -8.26 8.78
N ASP B 189 -9.69 -7.44 8.10
CA ASP B 189 -11.12 -7.70 8.03
C ASP B 189 -11.48 -8.92 7.14
N SER B 190 -10.52 -9.43 6.32
CA SER B 190 -10.79 -10.57 5.48
C SER B 190 -9.49 -11.27 5.09
N LEU B 191 -9.59 -12.54 4.67
CA LEU B 191 -8.46 -13.24 4.11
C LEU B 191 -7.91 -12.58 2.87
N THR B 192 -8.78 -11.97 2.03
CA THR B 192 -8.28 -11.23 0.86
C THR B 192 -7.39 -10.07 1.26
N ASP B 193 -7.80 -9.29 2.27
CA ASP B 193 -6.96 -8.21 2.79
C ASP B 193 -5.63 -8.74 3.35
N LEU B 194 -5.63 -9.92 3.98
CA LEU B 194 -4.39 -10.51 4.51
C LEU B 194 -3.47 -10.99 3.37
N VAL B 195 -4.03 -11.68 2.38
CA VAL B 195 -3.28 -12.09 1.19
C VAL B 195 -2.70 -10.87 0.46
N GLU B 196 -3.49 -9.82 0.24
CA GLU B 196 -3.01 -8.66 -0.51
C GLU B 196 -1.86 -7.97 0.23
N HIS B 197 -2.02 -7.84 1.56
CA HIS B 197 -0.95 -7.32 2.38
C HIS B 197 0.35 -8.14 2.27
N TYR B 198 0.29 -9.48 2.39
CA TYR B 198 1.53 -10.28 2.41
C TYR B 198 2.02 -10.58 0.96
N LYS B 199 1.21 -10.30 -0.11
CA LYS B 199 1.69 -10.22 -1.50
C LYS B 199 2.57 -8.99 -1.73
N LYS B 200 2.22 -7.85 -1.08
CA LYS B 200 2.90 -6.57 -1.18
C LYS B 200 4.08 -6.50 -0.19
N ASN B 201 3.95 -7.16 0.99
CA ASN B 201 4.91 -7.07 2.09
C ASN B 201 5.23 -8.49 2.57
N PRO B 202 6.02 -9.25 1.80
CA PRO B 202 6.08 -10.69 2.05
C PRO B 202 6.73 -11.03 3.36
N MET B 203 6.28 -12.14 3.97
CA MET B 203 6.83 -12.64 5.22
C MET B 203 8.25 -13.12 4.95
N VAL B 204 9.19 -12.70 5.81
CA VAL B 204 10.58 -13.16 5.75
C VAL B 204 10.79 -14.10 6.93
N GLU B 205 11.24 -15.33 6.67
CA GLU B 205 11.50 -16.31 7.72
C GLU B 205 12.74 -15.90 8.54
N THR B 206 12.99 -16.58 9.69
CA THR B 206 14.09 -16.18 10.58
C THR B 206 15.44 -16.31 9.82
N LEU B 207 15.65 -17.43 9.11
CA LEU B 207 16.87 -17.64 8.32
C LEU B 207 16.84 -16.98 6.93
N GLY B 208 15.82 -16.18 6.62
CA GLY B 208 15.82 -15.26 5.48
C GLY B 208 15.04 -15.64 4.24
N THR B 209 14.33 -16.81 4.23
CA THR B 209 13.50 -17.17 3.07
C THR B 209 12.36 -16.16 2.97
N VAL B 210 12.15 -15.56 1.80
CA VAL B 210 11.06 -14.62 1.59
C VAL B 210 9.91 -15.46 1.06
N LEU B 211 8.78 -15.42 1.74
CA LEU B 211 7.60 -16.22 1.38
C LEU B 211 6.74 -15.43 0.41
N GLN B 212 7.24 -15.35 -0.84
CA GLN B 212 6.65 -14.60 -1.96
C GLN B 212 5.34 -15.24 -2.35
N LEU B 213 4.25 -14.48 -2.38
CA LEU B 213 2.99 -14.96 -2.89
C LEU B 213 2.81 -14.43 -4.34
N LYS B 214 3.42 -15.15 -5.29
CA LYS B 214 3.57 -14.71 -6.67
C LYS B 214 2.37 -15.12 -7.51
N GLN B 215 1.84 -16.34 -7.33
CA GLN B 215 0.66 -16.77 -8.08
C GLN B 215 -0.17 -17.80 -7.34
N PRO B 216 -1.52 -17.74 -7.44
CA PRO B 216 -2.31 -18.86 -6.92
C PRO B 216 -1.97 -20.13 -7.65
N LEU B 217 -2.25 -21.26 -7.00
CA LEU B 217 -2.10 -22.55 -7.63
C LEU B 217 -3.20 -22.69 -8.72
N ASN B 218 -2.80 -23.10 -9.90
CA ASN B 218 -3.73 -23.34 -10.99
C ASN B 218 -4.55 -24.63 -10.77
N THR B 219 -5.87 -24.50 -10.63
CA THR B 219 -6.75 -25.66 -10.52
C THR B 219 -7.67 -25.86 -11.75
N THR B 220 -7.57 -25.01 -12.78
CA THR B 220 -8.50 -25.06 -13.93
C THR B 220 -7.92 -25.78 -15.14
N ARG B 221 -6.58 -25.85 -15.25
CA ARG B 221 -5.94 -26.52 -16.36
C ARG B 221 -6.22 -28.02 -16.33
N ILE B 222 -6.70 -28.58 -17.44
CA ILE B 222 -7.00 -30.01 -17.57
C ILE B 222 -6.36 -30.62 -18.80
N ASN B 223 -6.18 -31.93 -18.77
CA ASN B 223 -5.82 -32.66 -19.98
C ASN B 223 -7.10 -32.85 -20.76
N ALA B 224 -7.08 -32.55 -22.05
CA ALA B 224 -8.27 -32.58 -22.88
C ALA B 224 -8.93 -33.95 -22.89
N ALA B 225 -8.14 -35.05 -22.94
CA ALA B 225 -8.67 -36.42 -22.91
C ALA B 225 -9.58 -36.67 -21.71
N GLU B 226 -9.24 -36.08 -20.54
CA GLU B 226 -10.00 -36.11 -19.30
C GLU B 226 -11.16 -35.02 -19.16
N ILE B 227 -11.64 -34.43 -20.28
CA ILE B 227 -12.71 -33.43 -20.26
C ILE B 227 -14.01 -33.96 -19.64
N GLU B 228 -14.39 -35.20 -19.94
CA GLU B 228 -15.66 -35.75 -19.45
C GLU B 228 -15.71 -35.76 -17.92
N SER B 229 -14.58 -36.07 -17.27
CA SER B 229 -14.47 -36.13 -15.82
C SER B 229 -14.57 -34.79 -15.18
N ARG B 230 -13.99 -33.77 -15.84
CA ARG B 230 -14.05 -32.43 -15.30
C ARG B 230 -15.48 -31.90 -15.46
N VAL B 231 -16.10 -32.07 -16.62
CA VAL B 231 -17.48 -31.63 -16.83
C VAL B 231 -18.43 -32.35 -15.84
N ARG B 232 -18.30 -33.67 -15.69
CA ARG B 232 -19.04 -34.43 -14.65
C ARG B 232 -18.93 -33.77 -13.26
N GLU B 233 -17.71 -33.47 -12.83
CA GLU B 233 -17.47 -32.81 -11.56
C GLU B 233 -18.08 -31.37 -11.48
N LEU B 234 -17.97 -30.57 -12.55
CA LEU B 234 -18.55 -29.23 -12.59
C LEU B 234 -20.08 -29.25 -12.66
N SER B 235 -20.68 -30.34 -13.14
CA SER B 235 -22.13 -30.42 -13.33
C SER B 235 -22.92 -30.77 -12.07
N LYS B 236 -22.26 -31.09 -10.94
CA LYS B 236 -22.95 -31.37 -9.66
C LYS B 236 -22.53 -30.43 -8.53
N GLY B 247 -18.48 -26.40 -8.89
CA GLY B 247 -19.48 -26.31 -9.96
C GLY B 247 -19.11 -25.34 -11.08
N PHE B 248 -19.89 -25.33 -12.17
CA PHE B 248 -19.75 -24.33 -13.24
C PHE B 248 -19.98 -22.90 -12.74
N TRP B 249 -20.96 -22.69 -11.83
CA TRP B 249 -21.25 -21.34 -11.32
C TRP B 249 -20.07 -20.79 -10.55
N GLU B 250 -19.45 -21.62 -9.73
CA GLU B 250 -18.36 -21.23 -8.87
C GLU B 250 -17.12 -20.91 -9.70
N GLU B 251 -16.83 -21.75 -10.70
CA GLU B 251 -15.67 -21.52 -11.56
C GLU B 251 -15.89 -20.24 -12.38
N PHE B 252 -17.12 -20.01 -12.87
CA PHE B 252 -17.42 -18.81 -13.64
C PHE B 252 -17.27 -17.58 -12.77
N GLU B 253 -17.82 -17.58 -11.56
CA GLU B 253 -17.70 -16.46 -10.64
C GLU B 253 -16.27 -16.17 -10.22
N THR B 254 -15.38 -17.18 -10.11
CA THR B 254 -13.97 -16.89 -9.86
C THR B 254 -13.33 -16.17 -11.02
N LEU B 255 -13.70 -16.56 -12.25
CA LEU B 255 -13.24 -15.84 -13.43
C LEU B 255 -13.77 -14.41 -13.42
N GLN B 256 -15.05 -14.23 -13.14
CA GLN B 256 -15.66 -12.90 -13.14
C GLN B 256 -14.99 -11.96 -12.14
N GLN B 257 -14.55 -12.50 -11.01
CA GLN B 257 -13.81 -11.71 -10.01
C GLN B 257 -12.55 -11.06 -10.58
N GLN B 258 -11.95 -11.71 -11.60
CA GLN B 258 -10.71 -11.21 -12.16
C GLN B 258 -10.90 -10.03 -13.14
N GLU B 259 -12.16 -9.60 -13.41
CA GLU B 259 -12.39 -8.61 -14.46
C GLU B 259 -12.00 -7.18 -14.03
N CYS B 260 -11.82 -6.93 -12.71
N CYS B 260 -11.81 -6.91 -12.72
CA CYS B 260 -11.27 -5.67 -12.22
CA CYS B 260 -11.28 -5.61 -12.28
C CYS B 260 -9.89 -5.40 -12.79
C CYS B 260 -9.80 -5.42 -12.63
N LYS B 261 -9.11 -6.45 -13.11
CA LYS B 261 -7.77 -6.29 -13.68
C LYS B 261 -7.79 -5.78 -15.16
N LEU B 262 -8.99 -5.69 -15.76
CA LEU B 262 -9.12 -5.43 -17.19
C LEU B 262 -9.84 -4.15 -17.51
N LEU B 263 -9.73 -3.14 -16.62
CA LEU B 263 -10.31 -1.84 -16.92
C LEU B 263 -9.37 -0.99 -17.69
N TYR B 264 -9.05 -1.47 -18.88
CA TYR B 264 -8.18 -0.75 -19.79
C TYR B 264 -8.89 0.43 -20.42
N SER B 265 -8.12 1.40 -20.89
CA SER B 265 -8.71 2.62 -21.41
C SER B 265 -9.44 2.36 -22.74
N ARG B 266 -10.52 3.11 -22.94
CA ARG B 266 -11.40 3.09 -24.10
C ARG B 266 -11.68 4.52 -24.56
N LYS B 267 -10.66 5.39 -24.52
CA LYS B 267 -10.85 6.82 -24.77
C LYS B 267 -11.29 7.13 -26.20
N GLU B 268 -10.76 6.43 -27.21
CA GLU B 268 -11.17 6.68 -28.60
C GLU B 268 -12.68 6.46 -28.82
N GLY B 269 -13.21 5.37 -28.30
CA GLY B 269 -14.64 5.12 -28.37
C GLY B 269 -15.54 6.10 -27.60
N GLN B 270 -14.96 6.75 -26.57
CA GLN B 270 -15.62 7.76 -25.74
C GLN B 270 -15.61 9.14 -26.39
N ARG B 271 -14.87 9.36 -27.49
CA ARG B 271 -14.84 10.65 -28.16
C ARG B 271 -16.20 10.98 -28.70
N GLN B 272 -16.64 12.25 -28.49
CA GLN B 272 -17.84 12.83 -29.09
C GLN B 272 -18.01 12.45 -30.55
N GLU B 273 -16.91 12.58 -31.29
CA GLU B 273 -16.87 12.32 -32.73
C GLU B 273 -17.26 10.85 -33.09
N ASN B 274 -17.08 9.92 -32.15
CA ASN B 274 -17.33 8.50 -32.40
C ASN B 274 -18.59 7.95 -31.73
N LYS B 275 -19.36 8.79 -31.00
CA LYS B 275 -20.50 8.31 -30.23
C LYS B 275 -21.53 7.55 -31.06
N ASN B 276 -21.86 8.04 -32.25
CA ASN B 276 -22.88 7.42 -33.09
C ASN B 276 -22.39 6.20 -33.90
N LYS B 277 -21.12 5.83 -33.74
CA LYS B 277 -20.54 4.65 -34.35
C LYS B 277 -20.59 3.41 -33.40
N ASN B 278 -21.08 3.58 -32.18
CA ASN B 278 -21.19 2.52 -31.19
C ASN B 278 -22.66 2.10 -31.10
N ARG B 279 -22.93 0.79 -31.14
CA ARG B 279 -24.30 0.29 -31.00
C ARG B 279 -24.83 0.61 -29.60
N TYR B 280 -23.96 0.47 -28.58
CA TYR B 280 -24.26 0.73 -27.18
C TYR B 280 -23.19 1.68 -26.66
N LYS B 281 -23.61 2.81 -26.11
CA LYS B 281 -22.70 3.91 -25.81
C LYS B 281 -21.56 3.53 -24.91
N ASN B 282 -21.76 2.57 -23.99
CA ASN B 282 -20.72 2.19 -23.02
C ASN B 282 -20.03 0.88 -23.31
N ILE B 283 -20.36 0.23 -24.45
CA ILE B 283 -19.66 -0.99 -24.87
C ILE B 283 -18.70 -0.60 -25.95
N LEU B 284 -17.42 -0.52 -25.59
CA LEU B 284 -16.39 0.14 -26.39
C LEU B 284 -15.18 -0.70 -26.52
N PRO B 285 -14.44 -0.52 -27.64
CA PRO B 285 -13.21 -1.24 -27.80
C PRO B 285 -12.07 -0.63 -26.97
N PHE B 286 -11.23 -1.50 -26.43
CA PHE B 286 -9.98 -1.04 -25.78
C PHE B 286 -9.09 -0.33 -26.75
N ASP B 287 -8.51 0.80 -26.33
CA ASP B 287 -7.58 1.54 -27.19
C ASP B 287 -6.42 0.67 -27.67
N HIS B 288 -5.87 -0.18 -26.82
CA HIS B 288 -4.59 -0.89 -27.13
C HIS B 288 -4.75 -2.02 -28.15
N THR B 289 -6.02 -2.51 -28.36
CA THR B 289 -6.30 -3.52 -29.37
C THR B 289 -7.33 -3.14 -30.44
N ARG B 290 -7.86 -1.88 -30.45
CA ARG B 290 -8.86 -1.46 -31.41
C ARG B 290 -8.28 -1.54 -32.80
N VAL B 291 -9.14 -1.82 -33.76
CA VAL B 291 -8.77 -1.71 -35.15
C VAL B 291 -8.72 -0.26 -35.54
N VAL B 292 -7.58 0.24 -35.99
CA VAL B 292 -7.44 1.61 -36.51
C VAL B 292 -7.56 1.62 -38.01
N LEU B 293 -8.51 2.38 -38.52
CA LEU B 293 -8.77 2.48 -39.94
C LEU B 293 -7.91 3.60 -40.51
N HIS B 294 -7.16 3.29 -41.54
CA HIS B 294 -6.26 4.20 -42.26
C HIS B 294 -6.94 4.62 -43.59
N ASP B 295 -6.31 5.54 -44.32
CA ASP B 295 -6.76 6.02 -45.65
C ASP B 295 -8.20 6.56 -45.68
N GLY B 296 -8.61 7.23 -44.61
CA GLY B 296 -9.98 7.73 -44.51
C GLY B 296 -10.25 8.96 -45.36
N ASP B 297 -11.52 9.40 -45.39
CA ASP B 297 -11.88 10.65 -46.06
C ASP B 297 -11.27 11.81 -45.23
N PRO B 298 -10.47 12.74 -45.84
CA PRO B 298 -9.92 13.84 -45.03
C PRO B 298 -10.98 14.78 -44.45
N ASN B 299 -12.09 15.01 -45.19
CA ASN B 299 -13.09 16.04 -44.87
C ASN B 299 -14.08 15.62 -43.78
N GLU B 300 -13.57 15.09 -42.65
CA GLU B 300 -14.39 14.49 -41.57
C GLU B 300 -14.05 15.10 -40.17
N PRO B 301 -14.78 14.72 -39.07
CA PRO B 301 -14.21 14.88 -37.71
C PRO B 301 -13.26 13.75 -37.31
N VAL B 302 -13.68 12.45 -37.48
CA VAL B 302 -12.84 11.26 -37.25
C VAL B 302 -13.16 10.15 -38.28
N SER B 303 -12.12 9.59 -38.93
CA SER B 303 -12.26 8.58 -39.96
C SER B 303 -11.48 7.27 -39.62
N ASP B 304 -10.89 7.16 -38.41
CA ASP B 304 -10.04 6.02 -38.05
C ASP B 304 -10.71 5.00 -37.09
N TYR B 305 -12.03 5.18 -36.82
CA TYR B 305 -12.71 4.48 -35.72
C TYR B 305 -13.75 3.52 -36.18
N ILE B 306 -13.70 2.30 -35.59
CA ILE B 306 -14.72 1.26 -35.68
C ILE B 306 -14.76 0.56 -34.34
N ASN B 307 -15.94 0.17 -33.92
CA ASN B 307 -16.11 -0.58 -32.66
C ASN B 307 -15.69 -2.06 -32.94
N ALA B 308 -14.37 -2.31 -32.84
CA ALA B 308 -13.76 -3.60 -33.19
C ALA B 308 -12.40 -3.70 -32.55
N ASN B 309 -12.02 -4.90 -32.12
CA ASN B 309 -10.70 -5.23 -31.57
C ASN B 309 -10.08 -6.45 -32.22
N ILE B 310 -8.78 -6.42 -32.37
CA ILE B 310 -7.98 -7.56 -32.74
C ILE B 310 -7.88 -8.49 -31.53
N ILE B 311 -8.19 -9.76 -31.74
CA ILE B 311 -8.05 -10.81 -30.74
C ILE B 311 -6.98 -11.78 -31.24
N MET B 312 -5.91 -11.83 -30.52
CA MET B 312 -4.76 -12.64 -30.84
C MET B 312 -4.73 -13.72 -29.74
N PRO B 313 -4.75 -15.01 -30.07
CA PRO B 313 -4.47 -16.02 -29.05
C PRO B 313 -2.99 -15.87 -28.56
N GLU B 314 -2.75 -15.79 -27.25
CA GLU B 314 -1.38 -15.94 -26.68
C GLU B 314 -1.50 -16.40 -25.22
N LYS B 325 -2.43 -20.43 -34.97
CA LYS B 325 -1.84 -19.31 -35.73
C LYS B 325 -2.88 -18.20 -36.08
N LYS B 326 -4.16 -18.55 -36.04
CA LYS B 326 -5.26 -17.70 -36.53
C LYS B 326 -5.50 -16.50 -35.59
N SER B 327 -5.78 -15.27 -36.10
CA SER B 327 -6.26 -14.20 -35.25
C SER B 327 -7.68 -13.82 -35.67
N TYR B 328 -8.34 -13.02 -34.84
CA TYR B 328 -9.71 -12.62 -35.07
C TYR B 328 -9.85 -11.12 -34.93
N ILE B 329 -10.91 -10.59 -35.54
CA ILE B 329 -11.47 -9.28 -35.17
C ILE B 329 -12.81 -9.53 -34.56
N ALA B 330 -13.03 -9.10 -33.34
CA ALA B 330 -14.30 -9.16 -32.68
C ALA B 330 -14.95 -7.79 -32.82
N THR B 331 -16.18 -7.74 -33.41
CA THR B 331 -16.81 -6.48 -33.70
C THR B 331 -18.30 -6.58 -33.42
N GLN B 332 -18.92 -5.41 -33.34
CA GLN B 332 -20.38 -5.28 -33.29
C GLN B 332 -21.07 -5.52 -34.63
N GLY B 333 -22.37 -5.74 -34.55
CA GLY B 333 -23.22 -5.65 -35.76
C GLY B 333 -23.21 -4.23 -36.28
N CYS B 334 -23.08 -4.08 -37.58
CA CYS B 334 -23.17 -2.82 -38.30
C CYS B 334 -24.40 -2.01 -37.94
N LEU B 335 -24.18 -0.73 -37.81
CA LEU B 335 -25.22 0.29 -37.89
C LEU B 335 -25.27 0.78 -39.33
N GLN B 336 -26.36 1.48 -39.72
CA GLN B 336 -26.49 1.98 -41.09
C GLN B 336 -25.29 2.92 -41.43
N ASN B 337 -24.87 3.74 -40.45
CA ASN B 337 -23.75 4.66 -40.60
C ASN B 337 -22.33 4.06 -40.41
N THR B 338 -22.19 2.75 -40.17
CA THR B 338 -20.88 2.11 -40.06
C THR B 338 -20.63 1.03 -41.07
N VAL B 339 -21.55 0.75 -41.98
CA VAL B 339 -21.38 -0.28 -42.99
C VAL B 339 -20.14 -0.03 -43.88
N ASN B 340 -19.90 1.22 -44.33
CA ASN B 340 -18.73 1.58 -45.10
C ASN B 340 -17.45 1.35 -44.35
N ASP B 341 -17.41 1.74 -43.04
CA ASP B 341 -16.26 1.51 -42.15
C ASP B 341 -15.99 0.00 -41.97
N PHE B 342 -17.05 -0.81 -41.82
CA PHE B 342 -16.93 -2.26 -41.76
C PHE B 342 -16.19 -2.82 -42.99
N TRP B 343 -16.63 -2.42 -44.20
CA TRP B 343 -15.92 -2.89 -45.40
C TRP B 343 -14.50 -2.33 -45.53
N ARG B 344 -14.27 -1.06 -45.11
CA ARG B 344 -12.89 -0.55 -45.03
C ARG B 344 -12.02 -1.43 -44.16
N MET B 345 -12.56 -1.89 -43.01
CA MET B 345 -11.84 -2.77 -42.09
C MET B 345 -11.49 -4.11 -42.71
N VAL B 346 -12.47 -4.77 -43.31
CA VAL B 346 -12.27 -6.05 -43.96
C VAL B 346 -11.18 -5.94 -45.03
N PHE B 347 -11.28 -4.92 -45.83
CA PHE B 347 -10.32 -4.68 -46.90
C PHE B 347 -8.91 -4.45 -46.31
N GLN B 348 -8.80 -3.50 -45.40
CA GLN B 348 -7.50 -3.13 -44.83
C GLN B 348 -6.80 -4.28 -44.12
N GLU B 349 -7.56 -5.07 -43.36
CA GLU B 349 -7.01 -6.17 -42.62
C GLU B 349 -6.83 -7.43 -43.45
N ASN B 350 -7.21 -7.39 -44.73
CA ASN B 350 -7.07 -8.52 -45.60
C ASN B 350 -7.88 -9.72 -45.12
N SER B 351 -8.97 -9.50 -44.36
CA SER B 351 -9.84 -10.59 -43.91
C SER B 351 -10.56 -11.24 -45.10
N ARG B 352 -10.63 -12.56 -45.07
CA ARG B 352 -11.29 -13.36 -46.08
C ARG B 352 -12.44 -14.21 -45.62
N VAL B 353 -12.70 -14.22 -44.30
CA VAL B 353 -13.78 -14.92 -43.69
C VAL B 353 -14.44 -14.03 -42.64
N ILE B 354 -15.80 -13.94 -42.72
CA ILE B 354 -16.64 -13.30 -41.70
C ILE B 354 -17.57 -14.30 -41.13
N VAL B 355 -17.72 -14.28 -39.80
CA VAL B 355 -18.62 -15.09 -39.08
C VAL B 355 -19.66 -14.16 -38.45
N MET B 356 -20.90 -14.34 -38.82
CA MET B 356 -22.01 -13.58 -38.27
C MET B 356 -22.83 -14.52 -37.39
N THR B 357 -23.04 -14.17 -36.12
CA THR B 357 -23.69 -15.11 -35.18
C THR B 357 -25.08 -14.67 -34.73
N THR B 358 -25.70 -13.77 -35.47
CA THR B 358 -27.04 -13.26 -35.17
C THR B 358 -27.85 -13.30 -36.44
N LYS B 359 -29.17 -13.42 -36.31
CA LYS B 359 -30.03 -12.99 -37.37
C LYS B 359 -29.98 -11.44 -37.42
N GLU B 360 -30.41 -10.83 -38.54
CA GLU B 360 -30.47 -9.36 -38.60
C GLU B 360 -31.43 -8.82 -37.58
N VAL B 361 -32.53 -9.53 -37.31
CA VAL B 361 -33.58 -9.14 -36.37
C VAL B 361 -33.83 -10.32 -35.46
N GLU B 362 -33.84 -10.09 -34.14
CA GLU B 362 -34.20 -11.13 -33.16
C GLU B 362 -35.11 -10.56 -32.07
N ARG B 363 -36.21 -11.26 -31.76
CA ARG B 363 -37.25 -10.75 -30.85
C ARG B 363 -37.78 -9.39 -31.39
N GLY B 364 -38.06 -9.35 -32.69
CA GLY B 364 -38.41 -8.13 -33.44
C GLY B 364 -37.53 -6.88 -33.27
N LYS B 365 -36.25 -7.03 -32.82
CA LYS B 365 -35.29 -5.92 -32.64
C LYS B 365 -34.11 -6.06 -33.66
N SER B 366 -33.54 -4.93 -34.26
CA SER B 366 -32.41 -5.00 -35.22
C SER B 366 -31.12 -5.23 -34.40
N LYS B 367 -30.38 -6.24 -34.78
CA LYS B 367 -29.09 -6.66 -34.17
C LYS B 367 -27.92 -6.39 -35.08
N CYS B 368 -28.14 -6.39 -36.37
CA CYS B 368 -27.12 -6.10 -37.37
C CYS B 368 -27.80 -5.66 -38.63
N VAL B 369 -27.41 -4.54 -39.23
CA VAL B 369 -27.97 -4.16 -40.51
C VAL B 369 -27.39 -5.12 -41.60
N LYS B 370 -28.13 -5.31 -42.67
CA LYS B 370 -27.65 -6.07 -43.82
C LYS B 370 -26.57 -5.25 -44.48
N TYR B 371 -25.33 -5.73 -44.46
CA TYR B 371 -24.17 -5.02 -45.04
C TYR B 371 -23.63 -5.73 -46.28
N TRP B 372 -24.39 -6.71 -46.83
CA TRP B 372 -24.01 -7.48 -47.97
C TRP B 372 -25.14 -7.39 -49.03
N PRO B 373 -24.81 -7.52 -50.31
CA PRO B 373 -25.86 -7.46 -51.33
C PRO B 373 -26.67 -8.75 -51.40
N ASP B 374 -27.87 -8.68 -51.95
CA ASP B 374 -28.66 -9.89 -52.26
C ASP B 374 -27.90 -10.78 -53.24
N GLU B 375 -28.24 -12.06 -53.35
CA GLU B 375 -27.51 -12.98 -54.20
C GLU B 375 -27.53 -12.49 -55.67
N TYR B 376 -26.39 -12.62 -56.37
CA TYR B 376 -26.11 -12.14 -57.71
C TYR B 376 -26.04 -10.62 -57.86
N ALA B 377 -26.29 -9.86 -56.80
CA ALA B 377 -26.27 -8.40 -56.87
C ALA B 377 -24.88 -7.78 -56.49
N LEU B 378 -24.67 -6.55 -56.89
CA LEU B 378 -23.45 -5.79 -56.69
C LEU B 378 -23.84 -4.48 -56.05
N LYS B 379 -23.16 -4.08 -54.97
CA LYS B 379 -23.39 -2.81 -54.31
C LYS B 379 -22.09 -2.08 -53.99
N GLU B 380 -22.13 -0.73 -54.00
CA GLU B 380 -21.02 0.07 -53.54
C GLU B 380 -21.28 0.56 -52.15
N TYR B 381 -20.29 0.46 -51.28
CA TYR B 381 -20.34 0.87 -49.89
C TYR B 381 -19.20 1.84 -49.76
N GLY B 382 -19.45 3.13 -50.04
CA GLY B 382 -18.38 4.12 -50.05
C GLY B 382 -17.40 3.78 -51.17
N VAL B 383 -16.09 3.69 -50.85
CA VAL B 383 -15.07 3.35 -51.85
C VAL B 383 -14.95 1.83 -52.13
N MET B 384 -15.71 0.99 -51.45
CA MET B 384 -15.66 -0.45 -51.67
C MET B 384 -16.86 -0.93 -52.48
N ARG B 385 -16.67 -1.92 -53.29
CA ARG B 385 -17.77 -2.62 -53.93
C ARG B 385 -17.74 -4.05 -53.52
N VAL B 386 -18.94 -4.65 -53.41
CA VAL B 386 -19.10 -6.02 -53.02
C VAL B 386 -20.08 -6.67 -53.96
N ARG B 387 -19.69 -7.78 -54.53
CA ARG B 387 -20.58 -8.65 -55.31
C ARG B 387 -20.90 -9.90 -54.49
N ASN B 388 -22.15 -10.24 -54.38
CA ASN B 388 -22.57 -11.51 -53.84
C ASN B 388 -22.63 -12.51 -55.03
N VAL B 389 -21.60 -13.39 -55.16
CA VAL B 389 -21.45 -14.34 -56.27
C VAL B 389 -22.45 -15.47 -56.12
N LYS B 390 -22.59 -16.00 -54.91
CA LYS B 390 -23.37 -17.21 -54.69
C LYS B 390 -23.66 -17.40 -53.21
N GLU B 391 -24.88 -17.78 -52.85
CA GLU B 391 -25.21 -18.23 -51.50
C GLU B 391 -25.54 -19.72 -51.52
N SER B 392 -25.21 -20.42 -50.42
CA SER B 392 -25.45 -21.85 -50.21
C SER B 392 -26.01 -21.97 -48.85
N ALA B 393 -27.16 -22.61 -48.69
CA ALA B 393 -27.81 -22.75 -47.40
C ALA B 393 -27.51 -24.16 -46.87
N ALA B 394 -27.26 -24.25 -45.60
CA ALA B 394 -27.24 -25.48 -44.84
C ALA B 394 -28.32 -25.26 -43.77
N HIS B 395 -28.60 -26.25 -42.91
CA HIS B 395 -29.60 -26.09 -41.88
C HIS B 395 -29.21 -24.96 -40.90
N ASP B 396 -27.97 -24.94 -40.41
CA ASP B 396 -27.57 -23.99 -39.36
C ASP B 396 -27.03 -22.68 -39.85
N TYR B 397 -26.67 -22.61 -41.09
CA TYR B 397 -26.06 -21.42 -41.62
C TYR B 397 -26.22 -21.26 -43.09
N THR B 398 -25.99 -20.03 -43.56
CA THR B 398 -25.87 -19.66 -44.96
C THR B 398 -24.46 -19.18 -45.21
N LEU B 399 -23.87 -19.64 -46.29
CA LEU B 399 -22.60 -19.18 -46.72
C LEU B 399 -22.81 -18.26 -47.93
N ARG B 400 -22.22 -17.09 -47.89
CA ARG B 400 -22.30 -16.14 -49.00
C ARG B 400 -20.89 -15.90 -49.50
N GLU B 401 -20.67 -16.15 -50.79
CA GLU B 401 -19.39 -15.96 -51.40
C GLU B 401 -19.39 -14.55 -51.96
N LEU B 402 -18.58 -13.68 -51.38
CA LEU B 402 -18.62 -12.26 -51.69
C LEU B 402 -17.31 -11.88 -52.38
N LYS B 403 -17.35 -10.92 -53.29
CA LYS B 403 -16.12 -10.42 -53.92
C LYS B 403 -16.01 -8.95 -53.58
N LEU B 404 -14.91 -8.56 -52.92
CA LEU B 404 -14.68 -7.22 -52.41
C LEU B 404 -13.53 -6.59 -53.15
N SER B 405 -13.73 -5.37 -53.61
CA SER B 405 -12.68 -4.63 -54.30
C SER B 405 -12.86 -3.16 -54.02
N LYS B 406 -11.85 -2.36 -54.26
CA LYS B 406 -11.94 -0.92 -54.20
C LYS B 406 -12.45 -0.41 -55.57
N VAL B 407 -13.45 0.46 -55.54
CA VAL B 407 -13.92 1.11 -56.78
C VAL B 407 -12.73 1.82 -57.51
N GLY B 408 -12.68 1.62 -58.82
CA GLY B 408 -11.65 2.16 -59.68
C GLY B 408 -10.37 1.37 -59.77
N GLN B 409 -10.27 0.19 -59.09
CA GLN B 409 -9.03 -0.59 -58.98
C GLN B 409 -9.26 -2.12 -59.03
N GLY B 410 -9.36 -2.66 -60.25
CA GLY B 410 -9.75 -4.06 -60.47
C GLY B 410 -8.84 -5.09 -59.82
N ASN B 411 -7.52 -4.81 -59.86
CA ASN B 411 -6.42 -5.55 -59.18
C ASN B 411 -6.54 -5.70 -57.64
N THR B 412 -7.58 -5.20 -57.00
CA THR B 412 -7.70 -5.29 -55.51
C THR B 412 -8.75 -6.30 -55.08
N GLU B 413 -9.32 -7.06 -56.00
CA GLU B 413 -10.43 -7.94 -55.71
C GLU B 413 -9.95 -9.13 -54.93
N ARG B 414 -10.73 -9.51 -53.89
CA ARG B 414 -10.54 -10.77 -53.20
C ARG B 414 -11.89 -11.32 -52.79
N THR B 415 -11.95 -12.66 -52.65
CA THR B 415 -13.13 -13.34 -52.13
C THR B 415 -13.18 -13.27 -50.59
N VAL B 416 -14.36 -12.96 -50.08
CA VAL B 416 -14.66 -12.89 -48.67
C VAL B 416 -15.81 -13.83 -48.47
N TRP B 417 -15.63 -14.83 -47.64
CA TRP B 417 -16.63 -15.84 -47.38
C TRP B 417 -17.34 -15.51 -46.11
N GLN B 418 -18.65 -15.21 -46.19
CA GLN B 418 -19.43 -14.89 -45.02
C GLN B 418 -20.24 -16.08 -44.60
N TYR B 419 -19.97 -16.57 -43.38
CA TYR B 419 -20.62 -17.65 -42.72
C TYR B 419 -21.62 -17.07 -41.76
N HIS B 420 -22.91 -17.18 -42.10
CA HIS B 420 -23.98 -16.61 -41.33
C HIS B 420 -24.72 -17.67 -40.57
N PHE B 421 -24.42 -17.80 -39.26
CA PHE B 421 -25.03 -18.73 -38.38
C PHE B 421 -26.45 -18.23 -38.03
N ARG B 422 -27.42 -19.08 -38.22
CA ARG B 422 -28.82 -18.64 -38.23
C ARG B 422 -29.67 -19.23 -37.13
N THR B 423 -29.24 -20.31 -36.48
CA THR B 423 -30.05 -21.01 -35.52
C THR B 423 -29.69 -20.84 -34.07
N TRP B 424 -28.86 -19.82 -33.72
CA TRP B 424 -28.65 -19.56 -32.29
C TRP B 424 -29.98 -19.13 -31.65
N PRO B 425 -30.36 -19.67 -30.49
CA PRO B 425 -31.63 -19.27 -29.89
C PRO B 425 -31.70 -17.80 -29.44
N ASP B 426 -33.00 -17.36 -29.35
CA ASP B 426 -33.43 -16.05 -28.82
C ASP B 426 -32.99 -15.95 -27.36
N HIS B 427 -33.22 -16.99 -26.52
CA HIS B 427 -32.77 -16.96 -25.09
C HIS B 427 -31.55 -17.89 -24.88
N GLY B 428 -30.44 -17.48 -24.18
CA GLY B 428 -29.44 -18.50 -23.83
C GLY B 428 -28.63 -19.12 -24.97
N VAL B 429 -28.36 -20.44 -24.91
CA VAL B 429 -27.38 -21.12 -25.78
C VAL B 429 -28.01 -22.35 -26.47
N PRO B 430 -27.44 -22.86 -27.59
CA PRO B 430 -27.96 -24.11 -28.18
C PRO B 430 -27.93 -25.28 -27.22
N SER B 431 -28.96 -26.17 -27.26
CA SER B 431 -28.99 -27.30 -26.31
C SER B 431 -27.90 -28.31 -26.67
N ASP B 432 -27.50 -28.40 -27.94
CA ASP B 432 -26.44 -29.27 -28.40
C ASP B 432 -25.36 -28.49 -29.19
N PRO B 433 -24.08 -28.72 -28.92
CA PRO B 433 -23.02 -27.99 -29.64
C PRO B 433 -22.60 -28.48 -31.02
N GLY B 434 -23.25 -29.50 -31.59
CA GLY B 434 -22.87 -30.05 -32.88
C GLY B 434 -22.96 -29.10 -34.03
N GLY B 435 -24.01 -28.28 -34.06
CA GLY B 435 -24.19 -27.32 -35.13
C GLY B 435 -23.10 -26.24 -35.14
N VAL B 436 -22.81 -25.68 -34.00
CA VAL B 436 -21.72 -24.72 -33.83
C VAL B 436 -20.37 -25.38 -34.22
N LEU B 437 -20.11 -26.61 -33.77
CA LEU B 437 -18.80 -27.24 -34.06
C LEU B 437 -18.63 -27.51 -35.54
N ASP B 438 -19.67 -28.02 -36.21
CA ASP B 438 -19.62 -28.26 -37.64
C ASP B 438 -19.43 -26.97 -38.41
N PHE B 439 -20.12 -25.93 -37.97
CA PHE B 439 -19.94 -24.58 -38.55
C PHE B 439 -18.47 -24.13 -38.41
N LEU B 440 -17.93 -24.17 -37.20
CA LEU B 440 -16.57 -23.68 -36.89
C LEU B 440 -15.51 -24.50 -37.65
N GLU B 441 -15.69 -25.83 -37.77
CA GLU B 441 -14.83 -26.72 -38.63
C GLU B 441 -14.75 -26.24 -40.08
N GLU B 442 -15.90 -25.97 -40.78
CA GLU B 442 -15.91 -25.41 -42.12
C GLU B 442 -15.24 -24.05 -42.19
N VAL B 443 -15.50 -23.18 -41.18
CA VAL B 443 -14.86 -21.85 -41.12
C VAL B 443 -13.36 -22.03 -41.01
N HIS B 444 -12.91 -22.93 -40.16
CA HIS B 444 -11.49 -23.16 -39.98
C HIS B 444 -10.85 -23.68 -41.33
N HIS B 445 -11.53 -24.59 -42.06
CA HIS B 445 -10.95 -25.08 -43.33
C HIS B 445 -10.91 -24.03 -44.36
N LYS B 446 -11.96 -23.19 -44.43
CA LYS B 446 -11.96 -22.11 -45.40
C LYS B 446 -10.78 -21.20 -45.17
N GLN B 447 -10.62 -20.73 -43.92
CA GLN B 447 -9.54 -19.81 -43.57
C GLN B 447 -8.15 -20.46 -43.87
N GLU B 448 -7.98 -21.71 -43.49
CA GLU B 448 -6.71 -22.42 -43.67
C GLU B 448 -6.32 -22.65 -45.18
N SER B 449 -7.30 -22.76 -46.04
CA SER B 449 -7.14 -22.88 -47.48
C SER B 449 -6.74 -21.59 -48.22
N ILE B 450 -6.77 -20.42 -47.55
CA ILE B 450 -6.53 -19.15 -48.22
C ILE B 450 -5.19 -18.63 -47.79
N MET B 451 -4.23 -18.52 -48.70
CA MET B 451 -2.82 -18.50 -48.29
C MET B 451 -2.47 -17.42 -47.17
N ASP B 452 -2.47 -16.13 -47.47
CA ASP B 452 -2.05 -15.08 -46.47
C ASP B 452 -3.32 -14.36 -45.92
N ALA B 453 -4.40 -15.12 -45.66
CA ALA B 453 -5.66 -14.51 -45.21
C ALA B 453 -5.41 -13.72 -43.90
N GLY B 454 -6.10 -12.60 -43.72
CA GLY B 454 -6.06 -11.83 -42.49
C GLY B 454 -6.90 -12.43 -41.39
N PRO B 455 -7.13 -11.69 -40.30
CA PRO B 455 -7.96 -12.23 -39.22
C PRO B 455 -9.39 -12.54 -39.63
N VAL B 456 -9.99 -13.52 -38.96
CA VAL B 456 -11.35 -13.91 -39.20
C VAL B 456 -12.22 -12.90 -38.44
N VAL B 457 -13.09 -12.23 -39.14
CA VAL B 457 -13.99 -11.27 -38.52
C VAL B 457 -15.14 -12.01 -37.89
N VAL B 458 -15.43 -11.73 -36.59
CA VAL B 458 -16.55 -12.38 -35.92
C VAL B 458 -17.42 -11.32 -35.33
N HIS B 459 -18.76 -11.37 -35.55
CA HIS B 459 -19.61 -10.35 -35.00
C HIS B 459 -21.00 -10.89 -34.62
N CYS B 460 -21.58 -10.31 -33.59
CA CYS B 460 -22.96 -10.58 -33.24
C CYS B 460 -23.69 -9.22 -33.26
N SER B 461 -24.29 -8.78 -32.16
CA SER B 461 -24.98 -7.53 -31.89
C SER B 461 -23.96 -6.57 -31.16
N ALA B 462 -23.67 -6.71 -29.86
CA ALA B 462 -22.66 -5.88 -29.19
C ALA B 462 -21.20 -6.38 -29.47
N GLY B 463 -21.05 -7.60 -30.00
CA GLY B 463 -19.76 -8.20 -30.31
C GLY B 463 -18.93 -8.73 -29.13
N ILE B 464 -19.57 -9.14 -28.04
CA ILE B 464 -18.87 -9.66 -26.88
C ILE B 464 -19.40 -10.99 -26.35
N GLY B 465 -20.71 -11.24 -26.47
CA GLY B 465 -21.29 -12.43 -25.83
C GLY B 465 -21.15 -13.62 -26.75
N ARG B 466 -21.97 -13.71 -27.78
CA ARG B 466 -21.87 -14.79 -28.76
C ARG B 466 -20.52 -14.78 -29.45
N THR B 467 -20.06 -13.57 -29.82
CA THR B 467 -18.77 -13.39 -30.52
C THR B 467 -17.65 -14.00 -29.70
N GLY B 468 -17.63 -13.69 -28.41
CA GLY B 468 -16.64 -14.22 -27.49
C GLY B 468 -16.73 -15.72 -27.32
N THR B 469 -17.95 -16.25 -27.25
CA THR B 469 -18.18 -17.68 -27.13
C THR B 469 -17.68 -18.44 -28.35
N PHE B 470 -18.00 -17.95 -29.55
CA PHE B 470 -17.50 -18.59 -30.81
C PHE B 470 -15.97 -18.52 -30.88
N ILE B 471 -15.36 -17.33 -30.59
CA ILE B 471 -13.92 -17.19 -30.64
C ILE B 471 -13.24 -18.18 -29.64
N VAL B 472 -13.70 -18.22 -28.38
CA VAL B 472 -13.04 -19.04 -27.38
C VAL B 472 -13.15 -20.53 -27.76
N ILE B 473 -14.31 -20.98 -28.22
CA ILE B 473 -14.47 -22.36 -28.72
C ILE B 473 -13.49 -22.60 -29.87
N ASP B 474 -13.39 -21.63 -30.79
CA ASP B 474 -12.45 -21.78 -31.90
C ASP B 474 -11.01 -21.93 -31.47
N ILE B 475 -10.57 -21.12 -30.51
CA ILE B 475 -9.20 -21.13 -29.99
C ILE B 475 -8.92 -22.51 -29.32
N LEU B 476 -9.84 -22.95 -28.47
CA LEU B 476 -9.69 -24.23 -27.76
C LEU B 476 -9.65 -25.46 -28.68
N ILE B 477 -10.62 -25.58 -29.62
CA ILE B 477 -10.64 -26.63 -30.60
C ILE B 477 -9.36 -26.62 -31.45
N ASP B 478 -8.89 -25.47 -31.86
CA ASP B 478 -7.59 -25.33 -32.58
C ASP B 478 -6.37 -26.01 -31.86
N ILE B 479 -6.30 -25.90 -30.54
CA ILE B 479 -5.24 -26.52 -29.73
C ILE B 479 -5.33 -28.02 -29.89
N ILE B 480 -6.53 -28.57 -29.73
CA ILE B 480 -6.76 -29.99 -29.83
C ILE B 480 -6.55 -30.50 -31.24
N ARG B 481 -6.93 -29.71 -32.25
CA ARG B 481 -6.83 -30.13 -33.63
C ARG B 481 -5.35 -30.24 -34.04
N GLU B 482 -4.50 -29.35 -33.55
CA GLU B 482 -3.05 -29.47 -33.69
C GLU B 482 -2.46 -30.62 -32.84
N LYS B 483 -2.60 -30.56 -31.47
CA LYS B 483 -1.90 -31.44 -30.51
C LYS B 483 -2.64 -32.73 -30.15
N GLY B 484 -3.76 -33.00 -30.78
CA GLY B 484 -4.56 -34.18 -30.49
C GLY B 484 -5.20 -34.18 -29.11
N VAL B 485 -5.92 -35.27 -28.83
CA VAL B 485 -6.70 -35.46 -27.60
C VAL B 485 -5.85 -35.38 -26.30
N ASP B 486 -4.52 -35.61 -26.36
CA ASP B 486 -3.65 -35.54 -25.18
C ASP B 486 -2.88 -34.20 -25.06
N CYS B 487 -3.58 -33.07 -24.74
CA CYS B 487 -3.00 -31.73 -24.59
C CYS B 487 -3.65 -30.97 -23.43
N ASP B 488 -2.95 -29.96 -22.89
CA ASP B 488 -3.51 -29.13 -21.82
C ASP B 488 -4.41 -28.03 -22.38
N ILE B 489 -5.62 -27.90 -21.82
CA ILE B 489 -6.48 -26.74 -22.00
C ILE B 489 -6.90 -26.14 -20.65
N ASP B 490 -7.21 -24.85 -20.68
CA ASP B 490 -7.57 -24.11 -19.49
C ASP B 490 -8.60 -23.04 -19.90
N VAL B 491 -9.87 -23.37 -19.73
CA VAL B 491 -10.96 -22.60 -20.26
C VAL B 491 -10.97 -21.19 -19.68
N PRO B 492 -11.01 -21.00 -18.33
CA PRO B 492 -11.05 -19.63 -17.80
C PRO B 492 -9.83 -18.82 -18.09
N LYS B 493 -8.65 -19.45 -18.19
CA LYS B 493 -7.44 -18.71 -18.51
C LYS B 493 -7.53 -18.17 -19.93
N THR B 494 -8.08 -18.97 -20.86
CA THR B 494 -8.25 -18.57 -22.27
C THR B 494 -9.24 -17.39 -22.30
N ILE B 495 -10.34 -17.47 -21.57
CA ILE B 495 -11.34 -16.41 -21.56
C ILE B 495 -10.72 -15.13 -21.00
N GLN B 496 -9.95 -15.22 -19.90
CA GLN B 496 -9.33 -14.02 -19.31
C GLN B 496 -8.42 -13.34 -20.32
N MET B 497 -7.68 -14.11 -21.08
CA MET B 497 -6.73 -13.59 -22.08
C MET B 497 -7.48 -12.86 -23.24
N VAL B 498 -8.59 -13.43 -23.69
CA VAL B 498 -9.43 -12.80 -24.71
C VAL B 498 -10.13 -11.58 -24.15
N ARG B 499 -10.55 -11.63 -22.92
CA ARG B 499 -11.13 -10.49 -22.19
C ARG B 499 -10.21 -9.32 -21.97
N SER B 500 -8.90 -9.56 -21.99
CA SER B 500 -7.93 -8.47 -21.96
C SER B 500 -7.81 -7.76 -23.30
N GLN B 501 -8.49 -8.26 -24.36
CA GLN B 501 -8.38 -7.67 -25.67
C GLN B 501 -9.70 -7.06 -26.16
N ARG B 502 -10.82 -7.50 -25.65
CA ARG B 502 -12.10 -6.81 -25.81
C ARG B 502 -12.94 -7.07 -24.59
N SER B 503 -13.63 -6.03 -24.10
CA SER B 503 -14.41 -6.03 -22.85
C SER B 503 -15.49 -7.09 -22.80
N GLY B 504 -15.52 -7.88 -21.74
CA GLY B 504 -16.65 -8.75 -21.49
C GLY B 504 -16.82 -9.94 -22.41
N MET B 505 -15.78 -10.32 -23.16
CA MET B 505 -15.85 -11.49 -24.04
C MET B 505 -16.25 -12.74 -23.23
N VAL B 506 -17.38 -13.34 -23.63
CA VAL B 506 -18.12 -14.40 -22.98
C VAL B 506 -18.89 -13.75 -21.85
N GLN B 507 -20.19 -13.66 -21.99
CA GLN B 507 -21.02 -12.87 -21.10
C GLN B 507 -21.63 -13.62 -19.92
N THR B 508 -22.02 -14.87 -20.14
CA THR B 508 -22.88 -15.55 -19.19
C THR B 508 -22.32 -16.91 -18.78
N GLU B 509 -22.75 -17.41 -17.56
CA GLU B 509 -22.47 -18.78 -17.18
C GLU B 509 -22.99 -19.84 -18.16
N ALA B 510 -24.15 -19.62 -18.80
CA ALA B 510 -24.65 -20.52 -19.81
C ALA B 510 -23.72 -20.64 -21.02
N GLN B 511 -23.15 -19.53 -21.46
CA GLN B 511 -22.08 -19.57 -22.51
C GLN B 511 -20.84 -20.30 -21.99
N TYR B 512 -20.49 -20.09 -20.77
CA TYR B 512 -19.31 -20.72 -20.15
C TYR B 512 -19.46 -22.23 -20.16
N ARG B 513 -20.62 -22.76 -19.72
CA ARG B 513 -20.90 -24.19 -19.76
C ARG B 513 -20.96 -24.68 -21.19
N PHE B 514 -21.56 -23.90 -22.11
CA PHE B 514 -21.63 -24.30 -23.51
C PHE B 514 -20.25 -24.50 -24.12
N ILE B 515 -19.28 -23.63 -23.76
CA ILE B 515 -17.88 -23.77 -24.17
C ILE B 515 -17.32 -25.16 -23.74
N TYR B 516 -17.46 -25.51 -22.45
CA TYR B 516 -17.06 -26.84 -21.97
C TYR B 516 -17.76 -27.97 -22.71
N MET B 517 -19.06 -27.84 -22.95
CA MET B 517 -19.81 -28.85 -23.68
C MET B 517 -19.33 -28.99 -25.13
N ALA B 518 -18.97 -27.87 -25.79
CA ALA B 518 -18.53 -27.93 -27.15
C ALA B 518 -17.17 -28.66 -27.21
N VAL B 519 -16.22 -28.31 -26.34
CA VAL B 519 -14.91 -28.94 -26.33
C VAL B 519 -15.06 -30.48 -26.04
N GLN B 520 -15.91 -30.83 -25.08
CA GLN B 520 -16.23 -32.24 -24.77
C GLN B 520 -16.76 -32.99 -26.00
N HIS B 521 -17.71 -32.41 -26.75
CA HIS B 521 -18.25 -33.03 -27.94
C HIS B 521 -17.20 -33.15 -29.00
N TYR B 522 -16.31 -32.13 -29.14
CA TYR B 522 -15.22 -32.19 -30.11
C TYR B 522 -14.29 -33.41 -29.79
N ILE B 523 -13.89 -33.52 -28.54
CA ILE B 523 -13.03 -34.61 -28.07
C ILE B 523 -13.67 -35.97 -28.27
N GLU B 524 -14.93 -36.11 -27.91
CA GLU B 524 -15.69 -37.37 -28.08
C GLU B 524 -15.83 -37.79 -29.55
N THR B 525 -16.08 -36.87 -30.49
CA THR B 525 -16.14 -37.22 -31.90
C THR B 525 -14.79 -37.71 -32.41
N LEU B 526 -13.71 -37.06 -31.96
CA LEU B 526 -12.33 -37.50 -32.23
C LEU B 526 -12.14 -38.92 -31.71
N GLN B 527 -12.48 -39.16 -30.44
CA GLN B 527 -12.41 -40.49 -29.84
C GLN B 527 -13.29 -41.57 -30.51
N ARG B 528 -14.52 -41.25 -30.99
CA ARG B 528 -15.36 -42.26 -31.68
C ARG B 528 -14.69 -42.64 -33.02
N ARG B 529 -14.08 -41.67 -33.69
CA ARG B 529 -13.35 -41.88 -34.95
C ARG B 529 -12.15 -42.83 -34.77
#